data_3IYK
#
_entry.id   3IYK
#
_cell.length_a   1
_cell.length_b   1
_cell.length_c   1
_cell.angle_alpha   90
_cell.angle_beta   90
_cell.angle_gamma   90
#
_symmetry.space_group_name_H-M   'P 1'
#
loop_
_entity.id
_entity.type
_entity.pdbx_description
1 polymer VP5
2 polymer VP2
3 non-polymer '2-O-methyl-5-N-acetyl-alpha-D-neuraminic acid'
#
loop_
_entity_poly.entity_id
_entity_poly.type
_entity_poly.pdbx_seq_one_letter_code
_entity_poly.pdbx_strand_id
1 'polypeptide(L)'
;MGKVIRSLNRFGKKVGNALTSNTAKKIYSTIGKAAERFAESEIGSAAIDGLVQGSVHSIITGESYGESVKQAVLLNVLGS
GEEIPDPLSPGERGIQAKLKELEDEQRNELVRLKYNDKIKEKFGKELEEVYNFMNGEANAEIEDEKQFDILNKAVTSYNK
ILTEEDLQMRRLATALQKEIGERTHAETVMVKEYRDKIDALKNAIEVERDGMQEEAIQEIAGMTADVLEAASEEVPLIGA
GMATAVATGRAIEGAYKLKKVINALSGIDLTHLRTPKIEPSVVSTILEYRAKEIPDNALAVSVLSKNRAIQENHKELMHI
KNEILPRFKKAMDEEKEICGIEDKVIHPKVMMKFKIPRAQQPQIHVYSAPWDSDDVFFFHCISHHHANESFFLGFDLSID
LVHYEDLTAHWHALGAAQTAAGRTLTEAYREFLNLAISNAFGTQMHTRRLVRSKTVHPIYLGSLHYDISFSDLRGNAQRI
VYDDELQMHILRGPIHFQRRAILGALKFGCKVLGDRLDVPLFLRNA
;
A,B,C,D,E,F
2 'polypeptide(L)'
;MDELGIPVYKRGFPEHLLRGYEFIIDVGTKIESVGGRHDVTKIPEMNAYDIKQESIRTALWYNPIRNDGFVLPRVLDITL
RGYDERRAVVESTRHKSFHTNDQWVQWMMKDSMDAQPLKVGLDDQSRNVAHSLHNCVVKIDSKKADTMSYHVEPIEDASK
GCLHTRTMMWNHLVRIETFHAAQEVAYTLKPTYDIVVHAERRDRSQPFRPGDQTLINFGRGQKVAMNHNSYDKMVEGLTH
LVIRGKTPEVIRDDIASLDEICNRWIQSRHDPGEIKAYELCKILSTIGRKVLDREKEPEDEANLSIRFQEAIDNKFRQHD
PERLKIFEHRNQRRDEDRFYILLMIAASDTFNTRVWWSNPYPCLRGTLIASETKLGDVYSMMRSWYDWSVRPTYTPYEKT
REQEKYIYGRVNLFDFVAEPGIKIVHWEYRLNHSTREITYAQGNPCDLYPEDDDVIVTKFDDVAYGQMINEMINGGWNQE
QFKMHKILKSEGNVLTIDFEKDAKLTTNEGVTMPEYFNKWIIAPMFNAKLRIKHEEIAQRQSDDPMVKRTLSPITADPIE
LQRLTLARFYDIRPALRGQALSRQQAQSTYDEEISKQRDY
;
G,I,K
#
loop_
_chem_comp.id
_chem_comp.type
_chem_comp.name
_chem_comp.formula
MNA D-saccharide '2-O-methyl-5-N-acetyl-alpha-D-neuraminic acid' 'C12 H21 N O9'
#
# COMPACT_ATOMS: atom_id res chain seq x y z
CA VAL A 4 -21.78 23.47 -89.76
CA ILE A 5 -19.41 20.59 -89.11
CA ARG A 6 -16.76 22.31 -91.21
CA SER A 7 -17.23 25.59 -89.35
CA LEU A 8 -16.48 23.86 -86.05
CA ASN A 9 -13.55 21.99 -87.63
CA ARG A 10 -11.86 25.15 -88.92
CA PHE A 11 -12.60 27.05 -85.70
CA GLY A 12 -11.08 24.15 -83.75
CA LYS A 13 -7.91 24.34 -85.84
CA LYS A 14 -7.63 28.11 -85.35
CA ALA A 24 -7.77 23.40 -82.96
CA LYS A 25 -4.16 23.52 -84.23
CA LYS A 26 -3.51 26.93 -82.61
CA ILE A 27 -5.20 25.89 -79.33
CA TYR A 28 -3.43 22.48 -79.31
CA SER A 29 -0.05 24.03 -80.24
CA THR A 30 -0.48 26.90 -77.73
CA ILE A 31 -1.70 24.53 -74.98
CA GLY A 32 1.03 21.95 -75.73
CA LYS A 33 3.74 24.66 -75.97
CA ALA A 34 2.48 26.44 -72.82
CA ALA A 35 2.11 23.15 -70.90
CA GLU A 36 5.51 21.85 -72.11
CA ARG A 37 7.22 25.20 -71.44
CA PHE A 38 5.52 25.58 -68.02
CA ALA A 39 6.22 21.93 -67.07
CA GLU A 40 9.83 22.12 -68.35
CA SER A 41 10.43 25.52 -66.67
CA GLU A 42 8.75 24.40 -63.42
CA ILE A 43 10.57 21.03 -63.43
CA GLY A 44 13.92 22.64 -64.34
CA SER A 45 13.45 25.46 -61.78
CA ALA A 46 12.25 23.04 -59.08
CA ALA A 47 15.04 20.52 -59.86
CA ILE A 48 17.70 23.26 -60.06
CA ASP A 49 16.42 24.99 -56.89
CA GLY A 50 16.09 21.67 -55.02
CA LEU A 51 19.50 20.43 -56.24
CA VAL A 52 21.17 23.81 -55.51
CA GLN A 53 19.46 24.11 -52.09
CA GLY A 54 20.21 20.46 -51.20
CA SER A 55 23.82 20.72 -52.46
CA VAL A 56 24.36 24.10 -50.74
CA HIS A 57 22.69 22.91 -47.50
CA SER A 58 24.57 19.57 -47.56
CA ILE A 59 27.89 21.26 -48.44
CA ILE A 60 27.38 24.02 -45.85
CA TYR A 65 29.02 14.87 -35.29
CA GLY A 66 29.06 11.97 -37.72
CA GLU A 67 25.37 11.36 -37.05
CA SER A 68 24.54 15.03 -37.60
CA VAL A 69 26.11 14.90 -41.07
CA LYS A 70 24.39 11.55 -41.76
CA GLN A 71 20.90 12.84 -40.93
CA ALA A 72 21.52 16.14 -42.75
CA VAL A 73 22.67 14.15 -45.78
CA LEU A 74 19.44 12.12 -45.75
CA LEU A 75 17.31 15.27 -45.47
CA ASN A 76 18.94 17.01 -48.42
CA GLU A 105 24.36 -6.64 -54.97
CA GLN A 106 26.28 -6.80 -51.71
CA ARG A 107 24.44 -3.76 -50.34
CA ASN A 108 21.11 -5.47 -50.90
CA GLU A 109 22.49 -8.74 -49.45
CA LEU A 110 23.65 -7.13 -46.20
CA VAL A 111 20.50 -5.03 -45.91
CA ASN A 116 20.86 -10.83 -47.09
CA ASP A 117 20.94 -12.14 -43.54
CA LYS A 118 18.91 -9.18 -42.28
CA ILE A 119 16.14 -9.99 -44.76
CA LYS A 120 16.39 -13.71 -43.91
CA GLU A 121 15.96 -13.17 -40.17
CA LYS A 122 13.22 -10.58 -40.70
CA PHE A 123 13.34 -13.76 -42.12
CA GLY A 124 9.95 -14.02 -40.42
CA LYS A 125 11.56 -14.60 -37.02
CA GLU A 126 13.50 -11.36 -37.34
CA ASN A 139 18.31 4.67 -26.79
CA ALA A 140 17.72 4.31 -30.54
CA GLU A 141 14.42 6.14 -30.70
CA ILE A 142 15.78 8.69 -28.25
CA GLU A 143 19.09 9.13 -30.09
CA ASP A 144 16.95 9.69 -33.18
CA GLU A 145 15.51 12.73 -31.36
CA LYS A 146 19.14 13.55 -30.56
CA GLN A 147 20.33 14.55 -34.01
CA PHE A 148 16.83 15.86 -34.69
CA ASP A 149 17.30 18.67 -32.18
CA ILE A 150 20.89 19.12 -33.23
CA LEU A 151 19.70 19.58 -36.83
CA ASN A 152 17.17 22.17 -35.72
CA LYS A 153 19.66 24.00 -33.50
CA ALA A 154 21.99 24.28 -36.51
CA VAL A 155 19.23 25.50 -38.79
CA THR A 156 18.54 28.26 -36.23
CA SER A 157 22.08 29.53 -36.78
CA TYR A 158 21.68 29.38 -40.54
CA ASN A 159 18.43 31.28 -39.99
CA LYS A 160 20.07 34.00 -37.90
CA ILE A 161 22.83 34.21 -40.45
CA LEU A 162 20.09 34.55 -43.09
CA THR A 163 18.16 37.20 -41.18
CA GLU A 164 21.45 39.01 -40.61
CA GLU A 165 22.22 38.87 -44.30
CA MET A 169 28.61 30.86 -45.24
CA ARG A 170 28.25 34.28 -46.88
CA ARG A 171 28.77 33.18 -50.46
CA LEU A 172 26.67 30.11 -49.75
CA ALA A 173 23.89 32.05 -48.00
CA THR A 174 23.91 34.27 -51.10
CA ALA A 175 22.93 31.16 -53.06
CA LEU A 176 20.37 30.61 -50.30
CA GLN A 177 17.98 33.44 -51.09
CA LYS A 178 18.89 33.00 -54.76
CA GLU A 179 17.12 29.64 -54.86
CA ILE A 180 14.38 30.91 -52.61
CA GLY A 181 13.79 33.76 -55.07
CA GLU A 182 13.60 31.33 -57.96
CA ARG A 183 11.33 28.92 -56.09
CA THR A 184 8.94 31.83 -55.44
CA HIS A 185 9.04 32.96 -59.06
CA ALA A 186 8.02 29.42 -60.04
CA GLU A 187 4.81 29.86 -58.06
CA THR A 188 4.17 33.25 -59.64
CA VAL A 189 4.79 31.48 -62.96
CA MET A 190 2.31 28.70 -62.26
CA VAL A 191 -0.16 31.30 -61.08
CA LYS A 192 0.50 33.12 -64.36
CA GLU A 193 0.12 30.02 -66.52
CA TYR A 194 -3.05 29.21 -64.58
CA ARG A 195 -4.38 32.69 -65.24
CA ASP A 196 -3.87 32.09 -68.94
CA LYS A 197 -5.62 28.73 -68.98
CA ILE A 198 -8.95 30.06 -67.71
CA ASP A 199 -8.81 32.93 -70.20
CA ALA A 200 -8.53 30.30 -72.89
CA LEU A 201 -11.36 28.11 -71.61
CA LYS A 202 -13.81 31.02 -71.43
CA ASN A 203 -13.25 31.78 -75.09
CA ALA A 204 -14.04 28.17 -75.98
CA GLU A 219 -15.30 22.02 -76.86
CA ILE A 220 -16.21 18.33 -77.08
CA ALA A 221 -14.18 17.56 -80.16
CA GLY A 222 -11.09 18.96 -78.46
CA MET A 223 -11.71 16.88 -75.35
CA THR A 224 -11.70 13.70 -77.42
CA ALA A 225 -8.63 14.91 -79.35
CA ASP A 226 -6.56 15.54 -76.22
CA VAL A 227 -7.77 12.33 -74.58
CA LEU A 228 -6.82 10.45 -77.75
CA GLU A 229 -3.30 11.89 -77.62
CA ALA A 230 -2.91 10.97 -73.93
CA ALA A 231 -3.94 7.35 -74.41
CA PRO A 236 -5.33 21.71 -68.86
CA LEU A 237 -8.66 22.50 -67.17
CA ILE A 238 -8.15 20.29 -64.15
CA GLY A 239 -4.86 22.03 -63.44
CA ALA A 240 -6.48 25.47 -63.74
CA GLY A 241 -9.00 24.54 -61.05
CA MET A 242 -6.23 22.99 -58.91
CA ALA A 243 -4.04 26.10 -58.96
CA THR A 244 -7.03 28.40 -58.46
CA ALA A 245 -8.08 26.25 -55.49
CA VAL A 246 -4.62 26.62 -53.94
CA ALA A 247 -4.64 30.41 -54.43
CA THR A 248 -8.02 30.90 -52.76
CA LYS A 257 8.86 25.63 -40.61
CA LEU A 258 10.23 22.17 -41.41
CA LYS A 259 10.03 21.21 -37.74
CA LYS A 260 6.55 22.79 -37.46
CA VAL A 261 5.10 20.81 -40.38
CA ILE A 262 6.84 17.61 -39.27
CA ASN A 263 5.42 18.13 -35.78
CA ALA A 264 1.90 18.45 -37.20
CA LEU A 265 2.32 15.29 -39.30
CA SER A 266 3.47 13.15 -36.39
CA ILE A 268 13.80 4.46 -42.16
CA ASP A 269 15.85 2.13 -39.80
CA LEU A 270 15.59 -1.45 -38.61
CA THR A 271 17.37 -2.13 -35.33
CA ARG A 274 21.77 -1.95 -37.72
CA THR A 275 20.47 -0.67 -41.07
CA PRO A 276 19.73 3.02 -41.75
CA LYS A 277 18.24 4.01 -45.12
CA ILE A 278 17.79 7.47 -46.49
CA PRO A 280 13.39 0.40 -51.26
CA SER A 281 10.43 -0.06 -48.93
CA VAL A 282 8.63 -2.28 -51.44
CA VAL A 283 11.62 -4.64 -51.56
CA SER A 284 11.93 -4.49 -47.74
CA THR A 285 8.31 -5.49 -47.12
CA ILE A 286 8.41 -8.14 -49.86
CA LEU A 287 11.58 -9.53 -48.30
CA GLU A 288 9.86 -9.80 -44.91
CA ASP A 296 13.39 -25.26 -60.42
CA ASN A 297 15.73 -26.49 -63.16
CA ALA A 298 13.71 -24.65 -65.83
CA LEU A 299 13.66 -21.38 -63.87
CA ALA A 300 16.94 -20.05 -65.30
CA VAL A 301 16.09 -20.32 -69.01
CA SER A 302 12.45 -19.23 -68.59
CA VAL A 303 13.47 -16.15 -66.61
CA LEU A 304 16.16 -15.34 -69.16
CA SER A 305 13.31 -15.45 -71.69
CA LYS A 306 11.11 -13.13 -69.60
CA ASN A 307 14.08 -10.76 -69.45
CA ARG A 308 14.59 -10.99 -73.22
CA ALA A 309 10.89 -10.26 -73.76
CA ILE A 310 11.10 -7.20 -71.50
CA GLN A 311 14.23 -6.02 -73.39
CA ASN A 322 11.78 -6.21 -75.60
CA GLU A 323 9.52 -4.82 -72.90
CA ILE A 324 12.38 -2.64 -71.67
CA LEU A 325 13.08 -1.36 -75.18
CA PRO A 326 9.50 -0.16 -75.51
CA ARG A 327 9.61 1.31 -71.98
CA PHE A 328 12.73 3.39 -72.64
CA LYS A 329 11.51 4.42 -76.08
CA LYS A 330 8.21 5.49 -74.51
CA ALA A 331 10.07 7.66 -71.99
CA MET A 332 12.18 9.28 -74.73
CA ASP A 333 9.21 10.22 -76.88
CA VAL A 350 19.50 4.87 -74.62
CA MET A 351 17.68 1.81 -73.29
CA MET A 352 19.07 1.08 -69.82
CA LYS A 353 19.16 -1.92 -67.53
CA PHE A 354 21.22 -2.80 -64.45
CA ILE A 364 15.56 -8.10 -59.81
CA HIS A 365 14.95 -5.68 -62.70
CA VAL A 366 16.43 -7.27 -65.85
CA TYR A 367 15.86 -4.40 -68.27
CA SER A 368 15.07 -0.74 -67.77
CA ALA A 369 13.44 1.26 -70.57
CA PRO A 370 14.51 4.78 -69.57
CA TRP A 371 12.65 8.03 -70.21
CA VAL A 376 8.00 18.17 -66.84
CA PHE A 377 6.76 14.58 -67.04
CA PHE A 378 9.01 11.50 -67.31
CA PHE A 379 8.30 7.75 -67.61
CA HIS A 380 10.45 4.76 -66.64
CA CYS A 381 9.94 1.09 -67.63
CA ILE A 382 11.09 -2.06 -65.84
CA SER A 383 10.46 -5.64 -67.03
CA HIS A 384 11.47 -9.01 -65.62
CA HIS A 385 11.35 -12.76 -66.25
CA HIS A 386 7.97 -14.37 -65.60
CA ALA A 387 6.33 -11.59 -67.60
CA ASN A 388 6.33 -8.99 -64.83
CA GLU A 389 5.98 -5.35 -65.86
CA SER A 390 6.23 -2.01 -64.09
CA PHE A 391 6.34 1.62 -65.18
CA PHE A 392 6.53 4.82 -63.14
CA LEU A 393 5.52 8.30 -64.25
CA GLY A 394 7.02 11.21 -62.31
CA PHE A 395 6.01 14.84 -62.71
CA ASP A 396 7.22 18.18 -61.39
CA LEU A 397 4.89 19.61 -58.70
CA ILE A 399 6.20 14.47 -57.37
CA ASP A 400 5.62 10.74 -57.25
CA LEU A 401 3.79 7.93 -59.02
CA VAL A 402 5.21 4.42 -58.80
CA HIS A 403 3.55 1.28 -60.09
CA TYR A 404 4.83 -2.23 -59.53
CA GLU A 405 3.83 -5.84 -60.22
CA ASP A 406 2.02 -5.16 -63.51
CA LEU A 407 1.55 -8.77 -64.61
CA GLY A 415 -6.34 11.18 -46.81
CA ALA A 416 -6.70 10.81 -50.55
CA ALA A 417 -3.04 10.12 -51.09
CA GLN A 418 -2.78 7.47 -48.41
CA THR A 419 -5.97 5.82 -49.77
CA ALA A 420 -4.07 5.66 -53.10
CA ALA A 421 -1.11 3.83 -51.49
CA GLY A 422 -3.41 1.45 -49.73
CA ARG A 423 -5.29 0.51 -52.93
CA THR A 424 -2.00 -0.21 -54.67
CA SER A 438 -6.41 13.32 -45.76
CA ASN A 439 -3.46 15.56 -46.64
CA ALA A 440 -5.23 18.11 -48.82
CA PHE A 441 -7.88 18.45 -46.24
CA GLY A 442 -5.33 19.45 -43.63
CA THR A 443 -3.47 21.74 -45.97
CA GLN A 444 -6.53 23.57 -47.18
CA MET A 445 -7.71 23.96 -43.56
CA HIS A 446 -4.31 25.66 -42.99
CA THR A 447 -4.91 28.17 -45.82
CA ARG A 448 -8.38 28.88 -44.60
CA ARG A 449 -7.21 29.62 -41.02
CA LEU A 450 -4.62 32.03 -42.35
CA SER A 463 -4.50 38.55 -45.07
CA LEU A 464 -1.07 37.21 -45.98
CA HIS A 465 -2.54 35.29 -48.94
CA TYR A 466 -4.22 38.34 -50.46
CA ASP A 467 -1.20 40.56 -49.76
CA ILE A 468 1.00 37.95 -51.44
CA SER A 469 -1.21 38.00 -54.54
CA SER A 471 -5.56 35.01 -59.79
CA ASP A 472 -6.95 34.45 -56.29
CA LEU A 473 -10.28 35.95 -57.33
CA ARG A 474 -10.21 33.98 -60.61
CA GLY A 475 -9.71 30.62 -58.90
CA ASN A 476 -12.22 31.45 -56.17
CA ALA A 477 -14.72 32.42 -58.87
CA GLN A 478 -14.25 29.06 -60.59
CA ARG A 479 -14.71 27.15 -57.31
CA ILE A 480 -17.96 28.88 -56.42
CA VAL B 4 -48.75 7.32 -18.65
CA ILE B 5 -47.23 4.25 -20.27
CA ARG B 6 -50.57 3.43 -21.84
CA SER B 7 -50.95 6.98 -23.17
CA LEU B 8 -47.64 6.69 -25.00
CA ASN B 9 -48.56 3.19 -26.22
CA ARG B 10 -51.87 4.28 -27.75
CA PHE B 11 -50.33 7.46 -29.18
CA GLY B 12 -47.57 5.33 -30.72
CA LYS B 13 -50.16 3.09 -32.39
CA LYS B 14 -52.07 6.08 -33.77
CA ALA B 24 -47.46 3.52 -33.70
CA LYS B 25 -49.51 1.36 -36.11
CA LYS B 26 -50.46 4.38 -38.29
CA ILE B 27 -46.88 5.75 -38.24
CA TYR B 28 -45.36 2.30 -38.91
CA SER B 29 -47.92 1.50 -41.64
CA THR B 30 -47.58 4.98 -43.22
CA ILE B 31 -43.76 4.88 -42.98
CA GLY B 32 -43.59 1.29 -44.28
CA LYS B 33 -46.11 1.99 -47.07
CA ALA B 34 -44.41 5.30 -48.01
CA ALA B 35 -40.92 3.75 -47.85
CA GLU B 36 -42.03 0.62 -49.77
CA ARG B 37 -43.96 2.70 -52.35
CA PHE B 38 -41.12 5.23 -52.71
CA ALA B 39 -38.45 2.48 -52.88
CA GLU B 40 -40.53 0.38 -55.32
CA SER B 41 -41.43 3.42 -57.46
CA GLU B 42 -37.83 4.73 -57.40
CA ILE B 43 -36.37 1.26 -58.10
CA GLY B 44 -38.95 0.55 -60.84
CA SER B 45 -38.53 4.02 -62.38
CA ALA B 46 -34.71 3.86 -62.14
CA ALA B 47 -34.61 0.26 -63.48
CA ILE B 48 -37.12 1.05 -66.26
CA ASP B 49 -35.35 4.32 -67.17
CA GLY B 50 -31.89 2.70 -67.02
CA LEU B 51 -33.06 -0.37 -68.98
CA VAL B 52 -34.95 1.75 -71.53
CA GLN B 53 -32.06 4.23 -71.86
CA GLY B 54 -29.45 1.44 -72.06
CA SER B 55 -31.56 -0.60 -74.52
CA VAL B 56 -32.40 2.48 -76.63
CA HIS B 57 -28.77 3.72 -76.55
CA SER B 58 -27.38 0.23 -77.28
CA ILE B 59 -29.97 -0.41 -80.03
CA ILE B 60 -29.48 3.07 -81.55
CA TYR B 65 -16.55 -0.31 -85.94
CA GLY B 66 -16.70 -3.61 -84.07
CA GLU B 67 -14.81 -2.05 -81.19
CA SER B 68 -17.15 0.95 -81.10
CA VAL B 69 -20.14 -1.37 -80.65
CA LYS B 70 -18.21 -3.43 -78.07
CA GLN B 71 -17.37 -0.43 -75.89
CA ALA B 72 -20.85 1.05 -76.28
CA VAL B 73 -22.31 -2.31 -75.27
CA LEU B 74 -20.20 -2.35 -72.11
CA LEU B 75 -21.23 1.22 -71.21
CA ASN B 76 -24.95 0.54 -71.55
CA GLU B 105 -17.58 -23.08 -67.15
CA GLN B 106 -15.54 -22.72 -70.33
CA ARG B 107 -15.77 -18.93 -70.20
CA ASN B 108 -14.26 -18.91 -66.72
CA GLU B 109 -11.62 -21.47 -67.80
CA LEU B 110 -10.43 -19.42 -70.77
CA VAL B 111 -10.56 -16.17 -68.78
CA ASN B 116 -8.16 -21.33 -67.11
CA ASP B 117 -4.70 -20.87 -68.62
CA LYS B 118 -4.91 -17.09 -68.25
CA ILE B 119 -5.55 -17.45 -64.52
CA LYS B 120 -2.79 -20.09 -64.26
CA GLU B 121 -0.13 -17.90 -65.87
CA LYS B 122 -1.29 -14.82 -63.94
CA PHE B 123 -0.54 -17.94 -62.59
CA GLY B 124 1.84 -15.81 -60.52
CA LYS B 125 4.31 -15.59 -63.40
CA GLU B 126 1.63 -14.14 -65.65
CA ASN B 139 -1.10 0.44 -78.74
CA ALA B 140 -3.57 -1.14 -76.31
CA GLU B 141 -3.85 1.77 -73.90
CA ILE B 142 -3.87 4.14 -76.87
CA GLU B 143 -6.45 2.12 -78.83
CA ASP B 144 -8.53 2.27 -75.64
CA GLU B 145 -8.52 6.07 -76.08
CA LYS B 146 -9.41 5.33 -79.71
CA GLN B 147 -12.96 4.08 -79.23
CA PHE B 148 -13.26 6.46 -76.29
CA ASP B 149 -13.13 9.47 -78.60
CA ILE B 150 -15.20 7.68 -81.19
CA LEU B 151 -17.87 7.07 -78.53
CA ASN B 152 -17.84 10.74 -77.57
CA LYS B 153 -17.92 11.92 -81.20
CA ALA B 154 -21.01 9.76 -81.73
CA VAL B 155 -22.71 11.05 -78.59
CA THR B 156 -22.19 14.58 -79.93
CA SER B 157 -24.33 13.67 -82.94
CA TYR B 158 -27.00 12.14 -80.71
CA ASN B 159 -26.77 15.38 -78.72
CA LYS B 160 -27.24 17.60 -81.77
CA ILE B 161 -30.08 15.38 -82.86
CA LEU B 162 -31.52 15.81 -79.36
CA THR B 163 -31.08 19.59 -79.33
CA GLU B 164 -32.63 19.68 -82.79
CA GLU B 165 -35.57 17.64 -81.57
CA MET B 169 -33.38 8.02 -84.54
CA ARG B 170 -36.52 10.15 -84.24
CA ARG B 171 -38.74 7.54 -82.64
CA LEU B 172 -35.81 6.45 -80.49
CA ALA B 173 -34.84 10.01 -79.51
CA THR B 174 -38.50 10.41 -78.53
CA ALA B 175 -37.90 7.64 -75.99
CA LEU B 176 -34.76 9.59 -75.08
CA GLN B 177 -36.35 12.58 -73.38
CA LYS B 178 -39.14 10.26 -72.21
CA GLU B 179 -36.75 8.45 -69.88
CA ILE B 180 -35.01 11.67 -69.01
CA GLY B 181 -38.40 13.12 -67.98
CA GLU B 182 -39.10 10.11 -65.82
CA ARG B 183 -35.63 10.11 -64.26
CA THR B 184 -36.18 13.76 -63.28
CA HIS B 185 -39.62 13.06 -61.84
CA ALA B 186 -38.00 10.38 -59.66
CA GLU B 187 -35.85 13.09 -58.07
CA THR B 188 -38.86 15.34 -57.57
CA VAL B 189 -40.53 12.28 -56.01
CA MET B 190 -37.66 11.60 -53.62
CA VAL B 191 -37.60 15.27 -52.76
CA LYS B 192 -41.35 14.99 -52.13
CA GLU B 193 -41.05 11.85 -50.01
CA TYR B 194 -38.23 13.54 -48.12
CA ARG B 195 -40.40 16.59 -47.52
CA ASP B 196 -43.00 14.32 -45.98
CA LYS B 197 -40.57 12.52 -43.68
CA ILE B 198 -39.45 15.66 -41.85
CA ASP B 199 -43.07 16.77 -41.43
CA ALA B 200 -43.65 13.46 -39.69
CA LEU B 201 -40.60 13.65 -37.44
CA LYS B 202 -41.48 17.14 -36.18
CA ASN B 203 -44.86 15.91 -35.02
CA ALA B 204 -43.20 13.13 -33.05
CA GLU B 219 -39.92 8.59 -30.09
CA ILE B 220 -37.65 6.07 -28.33
CA ALA B 221 -40.12 3.21 -28.32
CA GLY B 222 -40.52 3.55 -32.08
CA MET B 223 -36.75 3.56 -32.60
CA THR B 224 -36.46 0.22 -30.81
CA ALA B 225 -39.50 -1.12 -32.72
CA ASP B 226 -38.08 -0.29 -36.15
CA VAL B 227 -34.60 -1.51 -35.18
CA LEU B 228 -36.17 -4.75 -33.96
CA GLU B 229 -37.91 -5.24 -37.30
CA ALA B 230 -34.67 -4.58 -39.23
CA ALA B 231 -32.63 -7.09 -37.26
CA PRO B 236 -36.44 7.02 -42.30
CA LEU B 237 -34.69 9.91 -40.53
CA ILE B 238 -31.23 9.23 -41.93
CA GLY B 239 -32.64 9.33 -45.44
CA ALA B 240 -34.43 12.63 -44.77
CA GLY B 241 -31.14 14.24 -43.78
CA MET B 242 -29.38 12.63 -46.77
CA ALA B 243 -31.86 13.99 -49.32
CA THR B 244 -31.99 17.40 -47.63
CA ALA B 245 -28.18 17.48 -47.70
CA VAL B 246 -28.19 16.79 -51.44
CA ALA B 247 -30.77 19.52 -52.09
CA THR B 248 -28.85 22.19 -50.20
CA LYS B 257 -21.26 15.28 -69.05
CA LEU B 258 -20.22 11.63 -68.97
CA LYS B 259 -16.81 12.52 -70.38
CA LYS B 260 -16.55 15.50 -68.00
CA VAL B 261 -17.20 13.43 -64.87
CA ILE B 262 -14.97 10.60 -66.10
CA ASN B 263 -12.22 13.15 -66.76
CA ALA B 264 -12.51 14.46 -63.19
CA LEU B 265 -12.36 10.92 -61.74
CA SER B 266 -9.22 9.96 -63.63
CA ILE B 268 -11.39 -4.09 -67.32
CA ASP B 269 -8.80 -5.86 -69.64
CA LEU B 270 -5.73 -8.01 -69.15
CA THR B 271 -3.34 -7.98 -72.10
CA ARG B 274 -6.50 -10.93 -74.63
CA THR B 275 -9.42 -10.74 -72.20
CA PRO B 276 -11.90 -7.83 -72.14
CA LYS B 277 -14.62 -7.79 -69.47
CA ILE B 278 -17.57 -5.48 -69.24
CA PRO B 280 -15.81 -10.87 -61.50
CA SER B 281 -12.94 -8.85 -60.07
CA VAL B 282 -13.05 -10.77 -56.80
CA VAL B 283 -12.58 -14.05 -58.67
CA SER B 284 -9.86 -12.47 -60.85
CA THR B 285 -7.79 -11.28 -57.89
CA ILE B 286 -8.35 -14.53 -55.99
CA LEU B 287 -7.24 -16.44 -59.08
CA GLU B 288 -4.01 -14.41 -59.24
CA ASP B 296 -7.72 -34.59 -50.81
CA ASN B 297 -9.74 -37.80 -51.12
CA ALA B 298 -12.27 -36.55 -48.56
CA LEU B 299 -12.69 -33.17 -50.27
CA ALA B 300 -15.48 -34.29 -52.62
CA VAL B 301 -17.89 -35.67 -50.01
CA SER B 302 -17.21 -32.93 -47.44
CA VAL B 303 -17.79 -30.19 -50.01
CA LEU B 304 -20.95 -31.92 -51.20
CA SER B 305 -22.02 -31.72 -47.54
CA LYS B 306 -21.17 -28.01 -47.30
CA ASN B 307 -23.27 -27.52 -50.42
CA ARG B 308 -26.15 -29.53 -48.92
CA ALA B 309 -25.95 -27.44 -45.74
CA ILE B 310 -26.09 -24.22 -47.77
CA GLN B 311 -29.10 -25.58 -49.73
CA ASN B 322 -29.98 -25.51 -46.55
CA GLU B 323 -28.11 -22.23 -46.34
CA ILE B 324 -29.26 -21.36 -49.85
CA LEU B 325 -32.86 -22.20 -49.01
CA PRO B 326 -32.82 -19.71 -46.14
CA ARG B 327 -31.04 -17.15 -48.34
CA PHE B 328 -33.63 -17.30 -51.13
CA LYS B 329 -36.51 -17.37 -48.65
CA LYS B 330 -35.02 -14.32 -46.92
CA ALA B 331 -34.89 -12.45 -50.24
CA MET B 332 -38.51 -13.35 -51.04
CA ASP B 333 -39.87 -12.13 -47.72
CA VAL B 350 -37.90 -20.18 -56.15
CA MET B 351 -34.58 -21.13 -54.55
CA MET B 352 -31.91 -20.88 -57.24
CA LYS B 353 -28.43 -22.29 -57.74
CA PHE B 354 -26.15 -22.63 -60.76
CA ILE B 364 -17.92 -22.09 -57.05
CA HIS B 365 -21.37 -21.16 -55.70
CA VAL B 366 -23.25 -24.41 -55.00
CA TYR B 367 -26.61 -22.95 -54.02
CA SER B 368 -28.15 -19.53 -54.49
CA ALA B 369 -30.99 -18.39 -52.21
CA PRO B 370 -32.61 -15.76 -54.46
CA TRP B 371 -34.47 -12.64 -53.36
CA VAL B 376 -36.57 -1.17 -53.58
CA PHE B 377 -34.26 -3.45 -51.58
CA PHE B 378 -33.29 -7.00 -52.59
CA PHE B 379 -31.12 -9.69 -50.94
CA HIS B 380 -29.23 -12.61 -52.50
CA CYS B 381 -27.68 -15.62 -50.70
CA ILE B 382 -24.80 -17.85 -51.78
CA SER B 383 -23.43 -20.81 -49.83
CA HIS B 384 -20.66 -23.31 -50.54
CA HIS B 385 -18.91 -26.42 -49.23
CA HIS B 386 -16.53 -25.79 -46.35
CA ALA B 387 -19.21 -23.71 -44.65
CA ASN B 388 -18.63 -20.54 -46.65
CA GLU B 389 -21.46 -17.99 -46.72
CA SER B 390 -22.14 -14.78 -48.60
CA PHE B 391 -25.13 -12.48 -49.03
CA PHE B 392 -25.51 -9.24 -50.97
CA LEU B 393 -28.11 -6.54 -50.41
CA GLY B 394 -28.76 -4.18 -53.32
CA PHE B 395 -30.92 -1.06 -53.17
CA ASP B 396 -32.21 1.51 -55.62
CA LEU B 397 -30.35 4.85 -55.35
CA ILE B 399 -26.70 0.82 -55.87
CA ASP B 400 -24.25 -1.73 -54.55
CA LEU B 401 -23.43 -3.79 -51.46
CA VAL B 402 -21.61 -7.09 -51.91
CA HIS B 403 -20.28 -9.27 -49.14
CA TYR B 404 -18.15 -12.36 -49.63
CA GLU B 405 -16.28 -14.96 -47.60
CA ASP B 406 -18.67 -14.98 -44.62
CA LEU B 407 -17.26 -18.02 -42.81
CA GLY B 415 -13.24 8.67 -49.82
CA ALA B 416 -15.75 6.98 -47.57
CA ALA B 417 -16.78 4.48 -50.21
CA GLN B 418 -13.27 3.45 -51.09
CA THR B 419 -12.44 3.11 -47.37
CA ALA B 420 -15.41 0.67 -47.27
CA ALA B 421 -13.94 -1.47 -50.10
CA GLY B 422 -10.55 -1.48 -48.48
CA ARG B 423 -11.92 -2.66 -45.11
CA THR B 424 -13.73 -5.50 -46.82
CA SER B 438 -13.66 10.80 -50.78
CA ASN B 439 -16.47 10.78 -53.36
CA ALA B 440 -19.13 12.66 -51.42
CA PHE B 441 -16.62 15.26 -50.56
CA GLY B 442 -15.94 15.93 -54.23
CA THR B 443 -19.59 15.83 -55.17
CA GLN B 444 -20.73 18.18 -52.45
CA MET B 445 -17.88 20.58 -53.35
CA HIS B 446 -19.39 20.52 -56.88
CA THR B 447 -22.85 21.55 -55.58
CA ARG B 448 -21.36 24.27 -53.47
CA ARG B 449 -19.40 25.79 -56.38
CA LEU B 450 -22.56 25.86 -58.48
CA SER B 463 -28.48 29.70 -58.79
CA LEU B 464 -29.36 26.66 -60.90
CA HIS B 465 -30.06 24.61 -57.74
CA TYR B 466 -32.53 27.13 -56.31
CA ASP B 467 -34.15 27.70 -59.71
CA ILE B 468 -34.50 23.94 -60.10
CA SER B 469 -36.28 23.71 -56.73
CA SER B 471 -37.29 21.25 -49.77
CA ASP B 472 -33.91 22.94 -50.22
CA LEU B 473 -34.65 25.25 -47.29
CA ARG B 474 -36.00 22.30 -45.25
CA GLY B 475 -32.87 20.18 -45.69
CA ASN B 476 -30.57 23.17 -45.15
CA ALA B 477 -32.50 23.96 -41.97
CA GLN B 478 -31.97 20.40 -40.70
CA ARG B 479 -28.23 20.54 -41.48
CA ILE B 480 -27.66 23.79 -39.62
CA VAL C 4 22.37 37.56 -27.52
CA ILE C 5 22.51 33.79 -27.26
CA ARG C 6 22.73 34.07 -23.48
CA SER C 7 19.76 36.45 -23.36
CA LEU C 8 17.59 33.89 -25.16
CA ASN C 9 18.97 31.09 -22.93
CA ARG C 10 18.11 32.87 -19.67
CA PHE C 11 14.73 33.99 -21.01
CA GLY C 12 14.02 30.41 -22.03
CA LYS C 13 14.80 29.19 -18.51
CA LYS C 14 12.55 31.84 -16.94
CA ALA C 24 12.79 27.70 -20.21
CA LYS C 25 12.79 25.98 -16.79
CA LYS C 26 9.66 27.85 -15.65
CA ILE C 27 7.87 27.25 -18.98
CA TYR C 28 8.94 23.57 -19.09
CA SER C 29 8.06 23.03 -15.40
CA THR C 30 4.73 24.90 -15.75
CA ILE C 31 3.88 23.12 -19.03
CA GLY C 32 4.94 19.70 -17.65
CA LYS C 33 3.13 20.27 -14.34
CA ALA C 34 0.00 21.64 -16.08
CA ALA C 35 0.04 18.85 -18.70
CA GLU C 36 0.72 16.15 -16.07
CA ARG C 37 -1.90 17.58 -13.68
CA PHE C 38 -4.47 18.05 -16.48
CA ALA C 39 -3.75 14.59 -17.95
CA GLU C 40 -3.78 12.93 -14.50
CA SER C 41 -6.93 14.82 -13.44
CA GLU C 42 -8.68 14.15 -16.78
CA ILE C 43 -7.59 10.48 -16.82
CA GLY C 44 -8.52 9.99 -13.13
CA SER C 45 -11.85 11.85 -13.55
CA ALA C 46 -12.65 10.01 -16.81
CA ALA C 47 -11.60 6.62 -15.37
CA ILE C 48 -13.46 7.24 -12.08
CA ASP C 49 -16.57 8.58 -13.89
CA GLY C 50 -16.48 5.74 -16.47
CA LEU C 51 -15.85 3.09 -13.78
CA VAL C 52 -18.50 4.56 -11.45
CA GLN C 53 -21.02 4.97 -14.29
CA GLY C 54 -20.27 1.49 -15.70
CA SER C 55 -20.35 -0.12 -12.23
CA VAL C 56 -23.53 1.78 -11.23
CA HIS C 57 -25.22 1.05 -14.58
CA SER C 58 -24.13 -2.62 -14.54
CA ILE C 59 -25.11 -3.05 -10.86
CA ILE C 60 -28.43 -1.21 -11.36
CA TYR C 65 -33.47 -11.79 -19.15
CA GLY C 66 -30.08 -13.49 -19.16
CA GLU C 67 -29.33 -11.97 -22.54
CA SER C 68 -30.35 -8.50 -21.35
CA VAL C 69 -27.81 -8.69 -18.52
CA LYS C 70 -25.19 -10.11 -20.91
CA GLN C 71 -25.52 -7.28 -23.43
CA ALA C 72 -25.70 -4.65 -20.68
CA VAL C 73 -22.56 -6.14 -19.15
CA LEU C 74 -20.73 -5.84 -22.48
CA LEU C 75 -21.83 -2.21 -22.92
CA ASN C 76 -20.64 -1.12 -19.48
CA GLU C 105 -5.58 -21.06 -22.14
CA GLN C 106 -8.78 -23.08 -22.34
CA ARG C 107 -10.84 -19.98 -23.12
CA ASN C 108 -8.64 -19.23 -26.13
CA GLU C 109 -8.71 -22.91 -27.17
CA LEU C 110 -12.52 -23.13 -27.18
CA VAL C 111 -12.86 -19.72 -28.84
CA ASN C 116 -9.25 -24.15 -30.44
CA ASP C 117 -11.65 -26.07 -32.68
CA LYS C 118 -13.52 -22.89 -33.59
CA ILE C 119 -10.29 -21.29 -34.83
CA LYS C 120 -9.32 -24.54 -36.62
CA GLU C 121 -12.59 -24.76 -38.57
CA LYS C 122 -12.60 -21.02 -39.31
CA PHE C 123 -9.96 -23.23 -39.85
CA GLY C 124 -10.31 -21.85 -43.37
CA LYS C 125 -13.32 -24.06 -44.06
CA GLU C 126 -15.13 -22.60 -41.05
CA ASN C 139 -32.81 -15.48 -35.78
CA ALA C 140 -29.34 -14.52 -34.56
CA GLU C 141 -29.14 -11.14 -36.22
CA ILE C 142 -32.76 -10.54 -35.30
CA GLU C 143 -32.35 -11.70 -31.69
CA ASP C 144 -29.43 -9.26 -31.57
CA GLU C 145 -31.97 -6.51 -32.27
CA LYS C 146 -34.05 -8.18 -29.55
CA GLN C 147 -31.96 -7.27 -26.52
CA PHE C 148 -31.02 -4.04 -28.31
CA ASP C 149 -34.57 -2.75 -27.99
CA ILE C 150 -34.91 -4.24 -24.55
CA LEU C 151 -31.77 -2.33 -23.50
CA ASN C 152 -33.20 0.89 -24.87
CA LYS C 153 -36.62 0.33 -23.30
CA ALA C 154 -34.88 -0.10 -19.93
CA VAL C 155 -32.77 3.01 -20.40
CA THR C 156 -36.00 4.94 -21.02
CA SER C 157 -37.14 3.99 -17.51
CA TYR C 158 -33.80 5.00 -16.03
CA ASN C 159 -34.25 8.25 -17.98
CA LYS C 160 -37.72 8.91 -16.61
CA ILE C 161 -36.45 8.07 -13.16
CA LEU C 162 -33.64 10.55 -13.81
CA THR C 163 -35.94 13.28 -15.09
CA GLU C 164 -38.19 12.62 -12.11
CA GLU C 165 -35.24 12.96 -9.76
CA MET C 169 -32.48 3.23 -7.82
CA ARG C 170 -32.61 6.48 -5.85
CA ARG C 171 -29.24 6.18 -4.16
CA LEU C 172 -27.81 4.85 -7.41
CA ALA C 173 -29.42 7.57 -9.57
CA THR C 174 -27.87 10.01 -7.10
CA ALA C 175 -24.48 8.64 -8.19
CA LEU C 176 -25.83 9.05 -11.73
CA GLN C 177 -25.83 12.83 -11.96
CA LYS C 178 -22.80 12.84 -9.66
CA GLU C 179 -20.65 11.28 -12.38
CA ILE C 180 -22.36 13.33 -15.04
CA GLY C 181 -21.47 16.49 -13.08
CA GLU C 182 -17.85 15.40 -12.83
CA ARG C 183 -17.66 14.41 -16.50
CA THR C 184 -18.89 17.90 -17.40
CA HIS C 185 -16.42 19.59 -15.07
CA ALA C 186 -13.65 17.66 -16.88
CA GLU C 187 -14.63 19.40 -20.10
CA THR C 188 -14.71 22.80 -18.39
CA VAL C 189 -11.27 21.85 -17.03
CA MET C 190 -9.86 20.98 -20.44
CA VAL C 191 -11.37 24.16 -21.80
CA LYS C 192 -9.66 25.97 -18.92
CA GLU C 193 -6.30 24.29 -19.46
CA TYR C 194 -6.65 25.06 -23.17
CA ARG C 195 -7.36 28.69 -22.39
CA ASP C 196 -4.12 28.82 -20.44
CA LYS C 197 -2.02 27.23 -23.17
CA ILE C 198 -2.78 29.91 -25.78
CA ASP C 199 -2.08 32.66 -23.23
CA ALA C 200 1.33 31.09 -22.82
CA LEU C 201 2.07 30.74 -26.52
CA LYS C 202 1.24 34.38 -27.25
CA ASN C 203 3.79 35.53 -24.71
CA ALA C 204 6.46 33.40 -26.40
CA GLU C 219 10.43 29.57 -29.52
CA ILE C 220 12.59 27.29 -31.68
CA ALA C 221 14.98 26.24 -28.94
CA GLY C 222 12.03 25.12 -26.82
CA MET C 223 10.56 23.12 -29.70
CA THR C 224 13.78 21.14 -30.03
CA ALA C 225 13.98 20.75 -26.23
CA ASP C 226 10.49 19.28 -25.91
CA VAL C 227 10.95 17.10 -29.00
CA LEU C 228 14.22 15.84 -27.53
CA GLU C 229 12.45 14.88 -24.29
CA ALA C 230 9.68 13.06 -26.19
CA ALA C 231 12.07 10.97 -28.27
CA PRO C 236 1.08 21.59 -25.98
CA LEU C 237 0.22 23.75 -29.02
CA ILE C 238 -1.42 21.01 -31.05
CA GLY C 239 -3.75 20.28 -28.14
CA ALA C 240 -4.65 23.95 -27.78
CA GLY C 241 -5.78 24.07 -31.41
CA MET C 242 -7.60 20.73 -31.00
CA ALA C 243 -9.64 21.89 -27.99
CA THR C 244 -10.30 25.30 -29.55
CA ALA C 245 -11.49 23.53 -32.70
CA VAL C 246 -13.93 21.42 -30.68
CA ALA C 247 -15.29 24.49 -28.86
CA THR C 248 -15.96 26.45 -32.04
CA LYS C 257 -28.40 9.61 -27.36
CA LEU C 258 -26.49 6.31 -27.38
CA LYS C 259 -29.06 4.81 -29.74
CA LYS C 260 -29.07 7.99 -31.86
CA VAL C 261 -25.30 8.00 -32.37
CA ILE C 262 -25.21 4.23 -32.94
CA ASN C 263 -27.98 4.64 -35.51
CA ALA C 264 -25.95 7.28 -37.36
CA LEU C 265 -22.82 5.08 -37.36
CA SER C 266 -24.59 2.05 -38.80
CA ILE C 268 -18.57 -9.34 -31.78
CA ASP C 269 -20.03 -12.92 -32.36
CA LEU C 270 -19.28 -15.82 -34.66
CA THR C 271 -22.21 -18.17 -35.19
CA ARG C 274 -21.51 -20.03 -30.59
CA THR C 275 -18.96 -17.48 -29.40
CA PRO C 276 -19.90 -14.03 -28.06
CA LYS C 277 -17.12 -11.58 -27.14
CA ILE C 278 -17.46 -8.31 -25.34
CA PRO C 280 -8.92 -10.07 -29.35
CA SER C 281 -9.84 -9.26 -32.94
CA VAL C 282 -6.19 -9.34 -34.02
CA VAL C 283 -5.83 -12.88 -32.69
CA SER C 284 -9.19 -13.86 -34.25
CA THR C 285 -8.22 -12.68 -37.74
CA ILE C 286 -4.72 -14.13 -37.44
CA LEU C 287 -6.27 -17.44 -36.37
CA GLU C 288 -8.49 -17.45 -39.46
CA ASP C 296 10.76 -27.80 -35.71
CA ASN C 297 12.98 -29.46 -33.09
CA ALA C 298 14.91 -26.22 -32.55
CA LEU C 299 11.75 -24.13 -32.16
CA ALA C 300 11.43 -24.67 -28.41
CA VAL C 301 14.89 -23.49 -27.35
CA SER C 302 15.05 -20.61 -29.87
CA VAL C 303 11.67 -19.30 -28.76
CA LEU C 304 12.66 -19.63 -25.11
CA SER C 305 15.64 -17.45 -26.09
CA LYS C 306 13.40 -14.87 -27.81
CA ASN C 307 11.34 -14.80 -24.62
CA ARG C 308 14.48 -14.38 -22.49
CA ALA C 309 15.61 -11.52 -24.73
CA ILE C 310 12.24 -9.80 -24.39
CA GLN C 311 12.39 -10.27 -20.58
CA ASN C 322 15.01 -8.46 -21.43
CA GLU C 323 12.73 -6.70 -23.89
CA ILE C 324 9.87 -6.97 -21.40
CA LEU C 325 12.03 -5.56 -18.60
CA PRO C 326 12.75 -2.45 -20.66
CA ARG C 327 9.06 -2.22 -21.68
CA PHE C 328 7.77 -2.28 -18.10
CA LYS C 329 10.53 0.07 -16.91
CA LYS C 330 9.62 2.44 -19.74
CA ALA C 331 5.97 2.45 -18.65
CA MET C 332 6.92 3.12 -15.01
CA ASP C 333 9.12 6.10 -15.82
CA VAL C 350 6.85 -4.61 -11.34
CA MET C 351 7.68 -6.23 -14.68
CA MET C 352 4.72 -8.43 -15.63
CA LYS C 353 4.18 -11.37 -17.95
CA PHE C 354 1.45 -13.99 -18.26
CA ILE C 364 1.61 -15.90 -27.10
CA HIS C 365 3.07 -12.98 -25.13
CA VAL C 366 6.05 -14.32 -23.12
CA TYR C 367 6.89 -11.20 -21.16
CA SER C 368 4.97 -8.01 -20.45
CA ALA C 369 6.84 -4.83 -19.49
CA PRO C 370 4.06 -2.96 -17.66
CA TRP C 371 3.59 0.79 -17.40
CA VAL C 376 -2.67 10.58 -18.30
CA PHE C 377 -0.49 8.56 -20.67
CA PHE C 378 0.54 4.93 -20.13
CA PHE C 379 2.75 2.51 -22.11
CA HIS C 380 2.74 -1.31 -22.21
CA CYS C 381 5.44 -3.62 -23.67
CA ILE C 382 5.09 -7.16 -25.00
CA SER C 383 7.92 -9.29 -26.40
CA HIS C 384 8.05 -12.83 -27.76
CA HIS C 385 10.37 -15.52 -29.12
CA HIS C 386 11.51 -14.95 -32.68
CA ALA C 387 12.36 -11.35 -31.79
CA ASN C 388 8.82 -10.01 -32.05
CA GLU C 389 8.07 -6.73 -30.27
CA SER C 390 4.96 -4.71 -29.53
CA PHE C 391 4.14 -1.69 -27.38
CA PHE C 392 0.88 0.19 -26.88
CA LEU C 393 0.46 3.75 -25.64
CA GLY C 394 -2.94 4.66 -24.22
CA PHE C 395 -4.04 8.17 -23.24
CA ASP C 396 -7.04 9.74 -21.57
CA LEU C 397 -9.31 11.56 -24.05
CA ILE C 399 -8.40 6.50 -25.88
CA ASP C 400 -6.58 3.92 -27.97
CA LEU C 401 -3.27 3.22 -29.68
CA VAL C 402 -2.20 -0.38 -30.18
CA HIS C 403 0.80 -1.54 -32.15
CA TYR C 404 1.64 -5.15 -32.93
CA GLU C 405 4.17 -7.20 -34.88
CA ASP C 406 7.11 -4.83 -34.36
CA LEU C 407 9.87 -7.09 -35.71
CA GLY C 415 -12.20 8.75 -42.01
CA ALA C 416 -8.78 9.58 -40.61
CA ALA C 417 -9.03 7.01 -37.84
CA GLN C 418 -10.10 4.18 -40.08
CA THR C 419 -7.31 5.09 -42.54
CA ALA C 420 -4.97 4.63 -39.52
CA ALA C 421 -6.28 1.10 -38.83
CA GLY C 422 -6.01 0.17 -42.46
CA ARG C 423 -2.37 1.32 -42.72
CA THR C 424 -1.49 -0.75 -39.67
CA SER C 438 -14.06 10.20 -41.68
CA ASN C 439 -15.20 10.43 -38.06
CA ALA C 440 -14.07 13.96 -37.25
CA PHE C 441 -15.64 15.14 -40.39
CA GLY C 442 -19.02 13.82 -39.31
CA THR C 443 -18.63 15.06 -35.77
CA GLN C 444 -17.63 18.56 -36.73
CA MET C 445 -20.52 18.69 -39.24
CA HIS C 446 -22.74 17.89 -36.21
CA THR C 447 -21.37 20.86 -34.22
CA ARG C 448 -21.77 23.15 -37.16
CA ARG C 449 -25.44 22.18 -37.72
CA LEU C 450 -26.18 22.86 -34.07
CA SER C 463 -26.98 28.50 -29.89
CA LEU C 464 -26.55 25.66 -27.38
CA HIS C 465 -22.76 25.74 -27.87
CA TYR C 466 -22.44 29.46 -27.13
CA ASP C 467 -24.90 29.25 -24.23
CA ILE C 468 -22.89 26.34 -22.84
CA SER C 469 -19.70 28.41 -22.97
CA SER C 471 -12.68 29.89 -24.99
CA ASP C 472 -14.97 29.42 -27.99
CA LEU C 473 -13.87 32.78 -29.39
CA ARG C 474 -10.23 32.00 -28.56
CA GLY C 475 -10.22 28.68 -30.43
CA ASN C 476 -12.19 30.14 -33.34
CA ALA C 477 -9.69 33.00 -33.50
CA GLN C 478 -6.80 30.53 -33.72
CA ARG C 479 -8.53 28.54 -36.49
CA ILE C 480 -9.18 31.57 -38.67
CA VAL D 4 25.42 25.43 18.31
CA ILE D 5 27.87 22.63 17.62
CA ARG D 6 30.10 25.05 15.72
CA SER D 7 29.97 27.57 18.57
CA LEU D 8 31.29 24.95 20.99
CA ASN D 9 33.90 23.82 18.42
CA ARG D 10 35.33 27.32 17.91
CA PHE D 11 35.18 28.09 21.64
CA GLY D 12 37.02 24.82 22.31
CA LYS D 13 39.77 25.82 19.87
CA LYS D 14 40.13 29.27 21.45
CA ALA D 24 40.42 24.07 22.24
CA LYS D 25 43.75 24.76 20.47
CA LYS D 26 44.69 27.53 22.93
CA ILE D 27 43.61 25.45 25.95
CA TYR D 28 45.35 22.30 24.63
CA SER D 29 48.50 24.25 23.65
CA THR D 30 48.55 26.17 26.97
CA ILE D 31 47.83 23.01 29.01
CA GLY D 32 50.39 20.95 27.04
CA LYS D 33 53.01 23.75 27.19
CA ALA D 34 52.34 24.41 30.89
CA ALA D 35 52.31 20.67 31.73
CA GLU D 36 55.44 20.00 29.62
CA ARG D 37 57.25 23.08 31.00
CA PHE D 38 56.19 22.29 34.60
CA ALA D 39 57.05 18.57 34.23
CA GLU D 40 60.38 19.34 32.47
CA SER D 41 61.26 22.08 34.99
CA GLU D 42 60.20 19.94 37.98
CA ILE D 43 61.98 16.83 36.60
CA GLY D 44 65.11 18.84 35.68
CA SER D 45 65.12 20.70 39.03
CA ALA D 46 64.43 17.50 41.01
CA ALA D 47 67.02 15.51 39.02
CA ILE D 48 69.60 18.33 39.23
CA ASP D 49 68.92 18.91 42.95
CA GLY D 50 68.92 15.17 43.73
CA LEU D 51 72.07 14.57 41.62
CA VAL D 52 73.83 17.64 43.06
CA GLN D 53 72.77 16.78 46.64
CA GLY D 54 73.67 13.08 46.21
CA SER D 55 76.99 13.92 44.49
CA VAL D 56 77.84 16.63 47.06
CA HIS D 57 76.78 14.42 50.00
CA SER D 58 78.61 11.36 48.58
CA ILE D 59 81.73 13.42 47.71
CA ILE D 60 81.68 15.23 51.09
CA TYR D 65 85.20 3.39 57.83
CA GLY D 66 84.80 1.37 54.65
CA GLU D 67 81.29 0.39 55.72
CA SER D 68 80.39 4.00 56.48
CA VAL D 69 81.29 5.02 52.93
CA LYS D 70 79.47 1.96 51.53
CA GLN D 71 76.20 2.74 53.31
CA ALA D 72 76.48 6.46 52.54
CA VAL D 73 77.06 5.56 48.88
CA LEU D 74 73.90 3.45 48.84
CA LEU D 75 71.85 6.24 50.44
CA ASN D 76 72.93 8.88 47.94
CA GLU D 105 77.06 -11.28 33.52
CA GLN D 106 79.54 -12.32 36.19
CA ARG D 107 77.98 -9.95 38.73
CA ASN D 108 74.60 -11.60 38.25
CA GLU D 109 76.21 -15.07 38.35
CA LEU D 110 77.95 -14.47 41.69
CA VAL D 111 74.89 -12.74 43.15
CA ASN D 116 75.04 -17.87 40.18
CA ASP D 117 75.76 -20.20 43.08
CA LYS D 118 73.98 -17.89 45.53
CA ILE D 119 70.81 -18.05 43.44
CA LYS D 120 71.22 -21.83 43.03
CA GLU D 121 71.46 -22.50 46.77
CA LYS D 122 68.67 -20.03 47.55
CA PHE D 123 68.54 -22.60 45.21
CA GLY D 124 65.51 -23.55 47.29
CA LYS D 125 67.70 -25.07 50.01
CA GLU D 126 69.56 -21.78 50.39
CA ASN D 139 76.20 -9.51 64.42
CA ALA D 140 74.94 -8.74 60.91
CA GLU D 141 71.66 -7.13 61.89
CA ILE D 142 73.45 -5.39 64.75
CA GLU D 143 76.37 -4.22 62.59
CA ASP D 144 73.70 -2.85 60.25
CA GLU D 145 72.62 -0.60 63.14
CA LYS D 146 76.34 0.13 63.53
CA GLN D 147 76.89 2.21 60.41
CA PHE D 148 73.32 3.47 60.78
CA ASP D 149 74.24 5.39 63.92
CA ILE D 150 77.58 6.34 62.47
CA LEU D 151 75.76 7.82 59.45
CA ASN D 152 73.48 9.80 61.72
CA LYS D 153 76.32 10.99 63.95
CA ALA D 154 78.08 12.30 60.83
CA VAL D 155 74.94 14.01 59.54
CA THR D 156 74.73 15.82 62.90
CA SER D 157 78.12 17.39 62.20
CA TYR D 158 77.06 18.37 58.69
CA ASN D 159 73.95 19.84 60.36
CA LYS D 160 75.93 21.86 62.88
CA ILE D 161 78.19 23.01 60.08
CA LEU D 162 75.03 23.98 58.19
CA THR D 163 73.47 25.80 61.13
CA GLU D 164 76.81 27.53 61.67
CA GLU D 165 76.90 28.58 58.04
CA MET D 169 83.02 21.61 53.58
CA ARG D 170 82.37 25.34 53.17
CA ARG D 171 82.23 25.42 49.39
CA LEU D 172 80.28 22.16 49.46
CA ALA D 173 77.88 23.32 52.18
CA THR D 174 77.34 26.38 49.97
CA ALA D 175 76.01 23.97 47.33
CA LEU D 176 74.00 22.46 50.18
CA GLN D 177 71.51 25.26 50.74
CA LYS D 178 71.73 26.02 47.02
CA GLU D 179 69.99 22.75 46.18
CA ILE D 180 67.70 23.12 49.15
CA GLY D 181 66.66 26.56 47.84
CA GLU D 182 65.96 25.11 44.41
CA ARG D 183 64.06 22.12 45.80
CA THR D 184 61.83 24.56 47.71
CA HIS D 185 61.27 26.75 44.67
CA ALA D 186 60.09 23.62 42.82
CA GLU D 187 57.30 23.26 45.37
CA THR D 188 56.38 26.93 45.06
CA VAL D 189 56.39 26.31 41.30
CA MET D 190 54.07 23.31 41.51
CA VAL D 191 51.85 25.28 43.84
CA LYS D 192 51.91 28.06 41.23
CA GLU D 193 51.15 25.74 38.32
CA TYR D 194 48.39 24.21 40.41
CA ARG D 195 46.96 27.64 41.12
CA ASP D 196 46.79 28.23 37.38
CA LYS D 197 45.06 24.95 36.59
CA ILE D 198 42.02 25.64 38.76
CA ASP D 199 41.71 29.14 37.32
CA ALA D 200 41.50 27.49 33.93
CA LEU D 201 38.94 24.86 34.92
CA LYS D 202 36.57 27.43 36.43
CA ASN D 203 36.45 29.30 33.15
CA ALA D 204 35.51 26.10 31.32
CA GLU D 219 34.11 20.46 28.80
CA ILE D 220 33.18 16.96 27.60
CA ALA D 221 34.63 17.30 24.13
CA GLY D 222 37.96 18.28 25.63
CA MET D 223 37.92 15.31 27.99
CA THR D 224 37.55 12.92 25.07
CA ALA D 225 40.22 14.84 23.11
CA ASP D 226 42.82 14.59 25.87
CA VAL D 227 41.93 10.97 26.61
CA LEU D 228 42.30 10.21 22.91
CA GLU D 229 45.78 11.73 22.88
CA ALA D 230 46.83 9.75 25.97
CA ALA D 231 45.73 6.40 24.56
CA PRO D 236 45.36 18.26 34.47
CA LEU D 237 42.38 18.31 36.86
CA ILE D 238 43.44 15.31 38.91
CA GLY D 239 46.80 16.93 39.56
CA ALA D 240 45.17 20.19 40.63
CA GLY D 241 43.17 18.36 43.29
CA MET D 242 46.29 16.37 44.32
CA ALA D 243 48.42 19.47 44.86
CA THR D 244 45.57 21.34 46.57
CA ALA D 245 45.08 18.33 48.85
CA VAL D 246 48.76 18.40 49.82
CA ALA D 247 48.65 22.14 50.55
CA THR D 248 45.62 21.91 52.83
CA LYS D 257 64.41 14.12 59.66
CA LEU D 258 65.62 11.16 57.60
CA LYS D 259 66.08 9.10 60.77
CA LYS D 260 62.72 10.33 62.11
CA VAL D 261 60.77 9.26 59.02
CA ILE D 262 62.67 5.97 58.77
CA ASN D 263 61.90 5.32 62.42
CA ALA D 264 58.18 5.86 61.80
CA LEU D 265 58.21 3.53 58.78
CA SER D 266 59.87 0.66 60.64
CA ILE D 268 68.98 -5.25 50.76
CA ASP D 269 71.43 -8.08 51.89
CA LEU D 270 71.38 -11.86 51.93
CA THR D 271 73.73 -13.41 54.49
CA ARG D 274 77.62 -12.25 51.55
CA THR D 275 75.74 -10.09 49.05
CA PRO D 276 74.90 -6.41 49.68
CA LYS D 277 72.82 -4.52 47.10
CA ILE D 278 72.13 -0.84 46.97
CA PRO D 280 66.94 -6.34 41.06
CA SER D 281 64.45 -7.66 43.61
CA VAL D 282 62.23 -9.09 40.88
CA VAL D 283 65.15 -11.13 39.53
CA SER D 284 66.14 -12.14 43.08
CA THR D 285 62.69 -13.49 43.97
CA ILE D 286 62.29 -15.16 40.57
CA LEU D 287 65.69 -16.78 41.05
CA GLU D 288 64.61 -18.18 44.42
CA ASP D 296 65.27 -27.92 24.50
CA ASN D 297 67.09 -28.11 21.16
CA ALA D 298 64.62 -25.65 19.59
CA LEU D 299 64.93 -23.16 22.46
CA ALA D 300 67.89 -21.27 20.97
CA VAL D 301 66.39 -20.43 17.57
CA SER D 302 62.88 -19.72 18.91
CA VAL D 303 64.24 -17.35 21.55
CA LEU D 304 66.43 -15.65 18.96
CA SER D 305 63.17 -15.13 17.05
CA LYS D 306 61.39 -13.69 20.10
CA ASN D 307 64.34 -11.32 20.48
CA ARG D 308 64.15 -10.37 16.79
CA ALA D 309 60.42 -9.70 17.15
CA ILE D 310 61.03 -7.48 20.17
CA GLN D 311 63.77 -5.60 18.25
CA ASN D 322 60.98 -5.25 16.54
CA GLU D 323 59.24 -4.88 19.88
CA ILE D 324 62.27 -3.02 21.22
CA LEU D 325 62.33 -0.70 18.22
CA PRO D 326 58.74 0.35 18.90
CA ARG D 327 59.49 0.67 22.64
CA PHE D 328 62.45 3.01 22.13
CA LYS D 329 60.62 5.00 19.44
CA LYS D 330 57.67 5.34 21.81
CA ALA D 331 59.94 6.74 24.53
CA MET D 332 61.53 9.23 22.12
CA ASP D 333 58.22 10.62 20.90
CA VAL D 350 68.75 5.42 19.58
CA MET D 351 67.19 2.00 20.19
CA MET D 352 69.18 0.32 22.96
CA LYS D 353 69.69 -3.24 24.15
CA PHE D 354 72.27 -4.91 26.40
CA ILE D 364 67.52 -11.68 30.06
CA HIS D 365 66.42 -8.53 28.22
CA VAL D 366 67.30 -8.99 24.52
CA TYR D 367 66.31 -5.55 23.25
CA SER D 368 65.62 -2.27 25.00
CA ALA D 369 63.50 0.40 23.28
CA PRO D 370 64.75 3.50 25.12
CA TRP D 371 62.80 6.68 25.86
CA VAL D 376 58.84 15.03 32.96
CA PHE D 377 57.58 11.60 31.87
CA PHE D 378 59.75 8.89 30.29
CA PHE D 379 58.99 5.37 28.95
CA HIS D 380 61.28 2.35 28.56
CA CYS D 381 60.59 -0.85 26.58
CA ILE D 382 62.04 -4.34 27.06
CA SER D 383 61.22 -7.40 24.96
CA HIS D 384 62.45 -10.99 25.05
CA HIS D 385 62.22 -14.36 23.31
CA HIS D 386 59.02 -16.27 24.00
CA ALA D 387 57.04 -13.12 23.27
CA ASN D 388 57.55 -11.49 26.67
CA GLU D 389 57.02 -7.74 26.90
CA SER D 390 57.59 -5.09 29.55
CA PHE D 391 57.50 -1.31 29.65
CA PHE D 392 58.06 1.13 32.51
CA LEU D 393 56.86 4.71 32.74
CA GLY D 394 58.69 6.96 35.20
CA PHE D 395 57.63 10.49 36.13
CA ASP D 396 59.04 13.32 38.20
CA LEU D 397 57.26 13.72 41.56
CA ILE D 399 58.78 8.51 40.97
CA ASP D 400 58.22 4.88 40.03
CA LEU D 401 56.10 2.66 37.81
CA VAL D 402 57.54 -0.66 36.67
CA HIS D 403 55.68 -3.35 34.78
CA TYR D 404 57.03 -6.78 33.99
CA GLU D 405 55.92 -10.05 32.39
CA ASP D 406 53.55 -8.50 29.84
CA LEU D 407 52.88 -11.62 27.76
CA GLY D 415 48.35 1.44 51.97
CA ALA D 416 47.30 2.22 48.42
CA ALA D 417 50.82 1.93 47.08
CA GLN D 418 51.55 -1.39 48.71
CA THR D 419 48.17 -2.72 47.47
CA ALA D 420 49.45 -1.76 43.98
CA ALA D 421 52.64 -3.83 44.41
CA GLY D 422 50.70 -6.75 45.70
CA ARG D 423 48.27 -6.76 42.75
CA THR D 424 51.19 -6.73 40.33
CA SER D 438 48.45 3.15 53.63
CA ASN D 439 51.20 5.71 53.01
CA ALA D 440 49.07 8.70 52.07
CA PHE D 441 46.95 8.08 55.03
CA GLY D 442 49.91 8.38 57.36
CA THR D 443 51.33 11.37 55.54
CA GLN D 444 48.09 13.31 55.51
CA MET D 445 47.59 12.51 59.23
CA HIS D 446 51.04 14.15 59.70
CA THR D 447 49.93 17.37 57.93
CA ARG D 448 46.74 17.47 59.91
CA ARG D 449 48.54 17.14 63.28
CA LEU D 450 50.85 19.98 62.34
CA SER D 463 50.48 27.02 61.80
CA LEU D 464 53.69 26.23 59.95
CA HIS D 465 51.72 25.21 56.84
CA TYR D 466 49.78 28.49 56.66
CA ASP D 467 52.88 30.55 57.48
CA ILE D 468 54.74 28.71 54.72
CA SER D 469 52.01 29.58 52.22
CA SER D 471 46.78 28.11 47.13
CA ASP D 472 46.04 26.42 50.46
CA LEU D 473 42.58 27.99 50.54
CA ARG D 474 42.06 27.12 46.85
CA GLY D 475 42.85 23.42 47.30
CA ASN D 476 40.88 23.24 50.54
CA ALA D 477 37.94 24.86 48.76
CA GLN D 478 38.09 22.21 46.02
CA ARG D 479 38.23 19.37 48.56
CA ILE D 480 35.19 20.56 50.50
CA VAL E 4 11.71 -13.22 84.36
CA ILE E 5 12.91 -15.57 81.63
CA ARG E 6 9.33 -16.04 80.48
CA SER E 7 8.72 -12.28 80.41
CA LEU E 8 11.66 -11.82 78.04
CA ASN E 9 10.52 -14.82 75.96
CA ARG E 10 6.99 -13.49 75.44
CA PHE E 11 8.25 -9.95 74.82
CA GLY E 12 10.68 -11.34 72.26
CA LYS E 13 7.84 -13.11 70.44
CA LYS E 14 5.70 -9.95 70.41
CA ALA E 24 10.25 -12.14 68.88
CA LYS E 25 7.80 -13.57 66.30
CA LYS E 26 6.49 -10.10 65.38
CA ILE E 27 10.01 -8.60 65.24
CA TYR E 28 11.39 -11.59 63.28
CA SER E 29 8.36 -11.65 60.91
CA THR E 30 8.43 -7.85 60.47
CA ILE E 31 12.23 -7.80 60.00
CA GLY E 32 12.16 -10.81 57.64
CA LYS E 33 9.17 -9.42 55.69
CA ALA E 34 10.67 -5.90 55.55
CA ALA E 35 14.14 -7.23 54.62
CA GLU E 36 12.70 -9.67 52.03
CA ARG E 37 10.34 -7.02 50.60
CA PHE E 38 13.07 -4.34 50.56
CA ALA E 39 15.66 -6.75 49.09
CA GLU E 40 13.17 -8.12 46.52
CA SER E 41 11.91 -4.61 45.62
CA GLU E 42 15.46 -3.19 45.47
CA ILE E 43 16.77 -6.20 43.48
CA GLY E 44 13.73 -6.18 41.14
CA SER E 45 13.87 -2.38 40.70
CA ALA E 46 17.67 -2.40 40.22
CA ALA E 47 17.52 -5.39 37.84
CA ILE E 48 14.56 -3.94 35.91
CA ASP E 49 16.12 -0.45 35.79
CA GLY E 50 19.56 -1.84 34.83
CA LEU E 51 18.06 -4.23 32.23
CA VAL E 52 15.74 -1.52 30.83
CA GLN E 53 18.53 1.10 30.80
CA GLY E 54 21.05 -1.36 29.30
CA SER E 55 18.52 -2.67 26.73
CA VAL E 56 17.34 0.87 25.85
CA HIS E 57 20.91 2.23 25.69
CA SER E 58 22.15 -0.80 23.68
CA ILE E 59 19.10 -0.70 21.36
CA ILE E 60 19.31 3.10 20.94
CA TYR E 65 31.25 1.94 13.57
CA GLY E 66 31.43 -1.76 14.31
CA GLU E 67 33.81 -1.06 17.17
CA SER E 68 31.53 1.62 18.59
CA VAL E 69 28.66 -0.87 18.80
CA LYS E 70 31.01 -3.52 20.24
CA GLN E 71 32.24 -1.29 23.07
CA ALA E 72 28.75 0.04 23.75
CA VAL E 73 27.49 -3.54 23.90
CA LEU E 74 30.14 -4.43 26.48
CA LEU E 75 29.29 -1.37 28.62
CA ASN E 76 25.56 -2.13 28.72
CA GLU E 105 33.60 -25.51 24.22
CA GLN E 106 35.03 -24.07 21.00
CA ARG E 107 34.82 -20.52 22.34
CA ASN E 108 36.95 -21.49 25.34
CA GLU E 109 39.34 -23.44 23.08
CA LEU E 110 39.98 -20.51 20.74
CA VAL E 111 40.22 -18.05 23.64
CA ASN E 116 42.88 -23.33 23.17
CA ASP E 117 46.00 -22.24 21.31
CA LYS E 118 45.86 -18.77 22.87
CA ILE E 119 45.92 -20.29 26.36
CA LYS E 120 48.67 -22.73 25.31
CA GLU E 121 50.99 -19.99 24.03
CA LYS E 122 50.20 -17.73 26.99
CA PHE E 123 51.19 -21.06 27.16
CA GLY E 124 53.90 -19.55 29.33
CA LYS E 125 55.82 -18.32 26.29
CA GLU E 126 52.77 -16.40 25.10
CA ASN E 139 47.73 1.32 17.89
CA ALA E 140 45.74 -1.07 20.09
CA GLU E 141 45.91 0.95 23.29
CA ILE E 142 45.36 4.10 21.25
CA GLU E 143 42.46 2.65 19.24
CA ASP E 144 40.99 1.70 22.63
CA GLU E 145 40.92 5.43 23.40
CA LYS E 146 39.39 5.80 19.93
CA GLN E 147 35.99 4.27 20.58
CA PHE E 148 36.22 5.61 24.14
CA ASP E 149 35.93 9.18 22.89
CA ILE E 150 33.43 8.16 20.26
CA LEU E 151 31.28 6.62 23.04
CA ASN E 152 31.48 9.81 25.05
CA LYS E 153 30.75 12.04 22.05
CA ALA E 154 27.61 9.97 21.41
CA VAL E 155 26.52 10.14 25.03
CA THR E 156 26.79 13.94 24.80
CA SER E 157 24.14 13.88 22.07
CA TYR E 158 21.92 11.59 24.13
CA ASN E 159 22.50 14.08 26.96
CA LYS E 160 21.49 17.10 24.89
CA ILE E 161 18.49 15.16 23.65
CA LEU E 162 17.71 14.42 27.31
CA THR E 163 18.15 18.02 28.45
CA GLU E 164 16.01 19.08 25.49
CA GLU E 165 13.32 16.61 26.50
CA MET E 169 14.95 8.50 20.37
CA ARG E 170 11.90 10.25 21.85
CA ARG E 171 10.01 7.16 22.90
CA LEU E 172 13.27 5.64 24.07
CA ALA E 173 14.40 8.77 25.93
CA THR E 174 10.99 8.65 27.61
CA ALA E 175 12.04 5.26 29.01
CA LEU E 176 15.30 7.01 29.92
CA GLN E 177 14.03 9.25 32.71
CA LYS E 178 11.50 6.53 33.56
CA GLU E 179 14.27 4.23 34.76
CA ILE E 180 16.14 7.12 36.29
CA GLY E 181 13.00 8.00 38.29
CA GLU E 182 12.69 4.42 39.49
CA ARG E 183 16.38 4.14 40.35
CA THR E 184 16.03 7.29 42.49
CA HIS E 185 12.90 5.99 44.21
CA ALA E 186 14.88 2.87 45.14
CA GLU E 187 17.28 5.06 47.10
CA THR E 188 14.42 6.89 48.80
CA VAL E 189 13.05 3.40 49.57
CA MET E 190 16.30 2.18 51.10
CA VAL E 191 16.52 5.41 53.04
CA LYS E 192 12.95 4.74 54.19
CA GLU E 193 13.61 1.13 55.14
CA TYR E 194 16.74 2.31 56.95
CA ARG E 195 14.72 4.90 58.83
CA ASP E 196 12.44 2.12 60.01
CA LYS E 197 15.24 -0.15 61.18
CA ILE E 198 16.67 2.33 63.69
CA ASP E 199 13.19 3.06 65.04
CA ALA E 200 12.93 -0.65 65.73
CA LEU E 201 16.33 -0.99 67.38
CA LYS E 202 15.70 1.88 69.78
CA ASN E 203 12.58 0.18 71.07
CA ALA E 204 14.56 -2.99 71.76
CA GLU E 219 18.32 -8.02 72.55
CA ILE E 220 20.88 -10.82 73.02
CA ALA E 221 18.45 -13.69 72.55
CA GLY E 222 17.37 -12.23 69.22
CA MET E 223 20.99 -11.85 68.09
CA THR E 224 21.59 -15.56 68.67
CA ALA E 225 18.26 -16.41 66.99
CA ASP E 226 19.05 -14.49 63.80
CA VAL E 227 22.63 -15.75 63.73
CA LEU E 228 21.32 -19.30 64.14
CA GLU E 229 19.01 -18.84 61.15
CA ALA E 230 21.83 -17.43 59.00
CA ALA E 231 24.19 -20.32 59.70
CA PRO E 236 19.55 -5.58 60.05
CA LEU E 237 21.59 -3.27 62.31
CA ILE E 238 24.73 -3.29 60.20
CA GLY E 239 22.71 -2.20 57.18
CA ALA E 240 21.09 0.62 59.15
CA GLY E 241 24.50 2.04 60.01
CA MET E 242 25.68 1.52 56.41
CA ALA E 243 22.79 3.45 54.87
CA THR E 244 22.98 6.17 57.54
CA ALA E 245 26.70 6.48 56.85
CA VAL E 246 26.03 6.97 53.13
CA ALA E 247 23.37 9.62 53.82
CA THR E 248 25.59 11.69 56.09
CA LYS E 257 29.66 11.32 35.02
CA LEU E 258 30.70 7.88 33.78
CA LYS E 259 33.80 9.36 32.15
CA LYS E 260 34.48 11.48 35.26
CA VAL E 261 34.41 8.52 37.65
CA ILE E 262 36.39 6.32 35.24
CA ASN E 263 38.96 9.10 34.95
CA ALA E 264 39.33 9.23 38.73
CA LEU E 265 39.73 5.45 38.96
CA SER E 266 42.47 5.28 36.36
CA ILE E 268 39.67 -7.05 28.91
CA ASP E 269 41.79 -7.89 25.74
CA LEU E 270 44.91 -9.90 25.01
CA THR E 271 46.73 -8.84 21.86
CA ARG E 274 43.16 -11.04 19.11
CA THR E 275 40.73 -11.77 21.94
CA PRO E 276 38.30 -9.17 23.33
CA LYS E 277 36.10 -10.09 26.31
CA ILE E 278 33.25 -8.13 27.74
CA PRO E 280 36.36 -15.54 32.99
CA SER E 281 39.45 -13.89 34.47
CA VAL E 282 39.93 -16.73 36.94
CA VAL E 283 40.05 -19.25 34.09
CA SER E 284 42.33 -16.93 32.07
CA THR E 285 44.91 -16.59 34.86
CA ILE E 286 44.70 -20.28 35.72
CA LEU E 287 45.24 -21.09 32.05
CA GLU E 288 48.38 -18.94 31.98
CA ASP E 296 46.25 -40.90 34.21
CA ASN E 297 44.20 -43.97 33.27
CA ALA E 298 42.16 -43.70 36.48
CA LEU E 299 41.45 -39.99 36.00
CA ALA E 300 38.30 -40.50 33.94
CA VAL E 301 36.38 -42.73 36.35
CA SER E 302 37.52 -40.88 39.50
CA VAL E 303 36.49 -37.53 38.05
CA LEU E 304 33.15 -38.98 36.94
CA SER E 305 32.77 -39.98 40.62
CA LYS E 306 33.65 -36.47 41.84
CA ASN E 307 31.01 -35.16 39.44
CA ARG E 308 28.45 -37.70 40.70
CA ALA E 309 29.23 -36.67 44.30
CA ILE E 310 28.72 -33.01 43.43
CA GLN E 311 25.42 -33.86 41.69
CA ASN E 322 25.13 -34.83 44.82
CA GLU E 323 27.00 -31.66 45.73
CA ILE E 324 25.24 -29.83 42.91
CA LEU E 325 21.84 -31.08 44.06
CA PRO E 326 22.40 -29.60 47.51
CA ARG E 327 23.76 -26.38 45.95
CA PHE E 328 20.71 -25.81 43.75
CA LYS E 329 18.31 -26.80 46.54
CA LYS E 330 20.11 -24.35 48.82
CA ALA E 331 19.63 -21.55 46.30
CA MET E 332 15.92 -22.37 45.88
CA ASP E 333 15.19 -22.30 49.61
CA VAL E 350 15.60 -27.26 38.88
CA MET E 351 19.16 -28.46 39.51
CA MET E 352 21.30 -27.24 36.61
CA LYS E 353 24.62 -28.24 35.12
CA PHE E 354 26.32 -27.51 31.79
CA ILE E 364 35.09 -27.67 34.02
CA HIS E 365 31.94 -27.39 36.16
CA VAL E 366 30.21 -30.81 36.13
CA TYR E 367 27.09 -29.91 38.07
CA SER E 368 25.48 -26.60 38.97
CA ALA E 369 23.10 -26.38 41.94
CA PRO E 370 21.11 -23.28 40.93
CA TRP E 371 19.47 -20.75 43.25
CA VAL E 376 17.38 -9.90 46.98
CA PHE E 377 20.02 -12.55 47.74
CA PHE E 378 20.78 -15.56 45.51
CA PHE E 379 23.21 -18.50 45.85
CA HIS E 380 24.80 -20.70 43.16
CA CYS E 381 26.64 -24.03 43.65
CA ILE E 382 29.28 -25.65 41.44
CA SER E 383 30.97 -28.99 42.11
CA HIS E 384 33.56 -30.98 40.19
CA HIS E 385 35.52 -34.24 40.14
CA HIS E 386 38.39 -34.40 42.62
CA ALA E 387 36.05 -33.10 45.33
CA ASN E 388 36.26 -29.43 44.35
CA GLU E 389 33.47 -27.14 45.55
CA SER E 390 32.46 -23.56 44.91
CA PHE E 391 29.45 -21.41 45.73
CA PHE E 392 28.72 -17.75 45.00
CA LEU E 393 26.27 -15.50 46.81
CA GLY E 394 25.10 -12.41 44.94
CA PHE E 395 23.01 -9.62 46.43
CA ASP E 396 21.30 -6.49 45.16
CA LEU E 397 23.18 -3.29 46.13
CA ILE E 399 26.68 -6.75 43.77
CA ASP E 400 29.33 -9.46 43.79
CA LEU E 401 30.68 -12.32 45.89
CA VAL E 402 32.39 -15.20 44.12
CA HIS E 403 34.20 -18.05 45.81
CA TYR E 404 36.21 -20.72 44.02
CA GLU E 405 38.41 -23.72 44.79
CA ASP E 406 36.59 -24.77 47.98
CA LEU E 407 38.31 -28.14 48.48
CA GLY E 415 41.02 -0.40 49.56
CA ALA E 416 38.94 -2.85 51.57
CA ALA E 417 37.46 -4.46 48.49
CA GLN E 418 40.75 -4.98 46.75
CA THR E 419 42.24 -6.40 49.97
CA ALA E 420 39.34 -8.92 49.81
CA ALA E 421 40.28 -9.99 46.25
CA GLY E 422 43.89 -10.31 47.18
CA ARG E 423 43.16 -12.54 50.22
CA THR E 424 41.06 -14.82 48.03
CA SER E 438 40.42 1.90 49.39
CA ASN E 439 37.19 2.50 47.46
CA ALA E 440 34.93 3.55 50.32
CA PHE E 441 37.55 5.89 51.50
CA GLY E 442 37.56 7.70 48.17
CA THR E 443 33.81 7.68 47.88
CA GLN E 444 33.18 9.02 51.34
CA MET E 445 35.82 11.73 50.76
CA HIS E 446 33.69 12.68 47.71
CA THR E 447 30.53 13.06 49.84
CA ARG E 448 32.37 15.08 52.40
CA ARG E 449 33.78 17.53 49.82
CA LEU E 450 30.30 18.06 48.43
CA SER E 463 24.42 21.48 50.34
CA LEU E 464 23.18 19.19 47.57
CA HIS E 465 23.05 16.23 50.00
CA TYR E 466 20.88 18.05 52.55
CA ASP E 467 18.68 19.55 49.84
CA ILE E 468 18.26 16.07 48.36
CA SER E 469 17.12 14.72 51.74
CA SER E 471 17.37 10.19 57.64
CA ASP E 472 20.62 12.13 57.18
CA LEU E 473 20.42 13.38 60.77
CA ARG E 474 19.45 9.88 61.99
CA GLY E 475 22.45 8.17 60.37
CA ASN E 476 24.80 10.97 61.42
CA ALA E 477 23.49 10.64 64.97
CA GLN E 478 24.24 6.91 64.96
CA ARG E 479 27.77 7.48 63.63
CA ILE E 480 28.68 10.04 66.28
CA VAL F 4 80.07 22.20 73.29
CA ILE F 5 80.25 18.53 72.34
CA ARG F 6 81.15 17.67 75.93
CA SER F 7 78.26 19.71 77.28
CA LEU F 8 75.80 17.71 75.19
CA ASN F 9 77.56 14.45 76.15
CA ARG F 10 77.30 15.09 79.89
CA PHE F 11 73.73 16.39 79.58
CA GLY F 12 72.85 13.25 77.62
CA LYS F 13 74.25 11.05 80.40
CA LYS F 14 72.32 12.96 83.08
CA ALA F 24 71.95 10.05 78.69
CA LYS F 25 72.58 7.37 81.36
CA LYS F 26 69.70 8.63 83.54
CA ILE F 27 67.35 8.97 80.55
CA TYR F 28 68.38 5.57 79.12
CA SER F 29 68.17 3.88 82.55
CA THR F 30 64.84 5.57 83.37
CA ILE F 31 63.41 4.84 79.90
CA GLY F 32 64.70 1.22 79.93
CA LYS F 33 63.52 0.66 83.53
CA ALA F 34 60.13 2.31 82.86
CA ALA F 35 59.69 0.47 79.53
CA GLU F 36 60.83 -2.87 81.04
CA ARG F 37 58.68 -2.38 84.17
CA PHE F 38 55.66 -1.22 82.13
CA ALA F 39 56.10 -4.01 79.55
CA GLU F 40 56.69 -6.66 82.26
CA SER F 41 53.78 -5.37 84.39
CA GLU F 42 51.46 -5.07 81.35
CA ILE F 43 52.52 -8.49 80.00
CA GLY F 44 52.27 -10.14 83.45
CA SER F 45 48.92 -8.44 84.21
CA ALA F 46 47.54 -9.23 80.73
CA ALA F 47 48.84 -12.82 80.83
CA ILE F 48 47.59 -13.34 84.42
CA ASP F 49 44.22 -11.70 83.68
CA GLY F 50 43.83 -13.60 80.37
CA LEU F 51 44.95 -16.91 81.94
CA VAL F 52 42.76 -16.37 85.04
CA GLN F 53 39.76 -15.25 82.94
CA GLY F 54 40.24 -18.09 80.42
CA SER F 55 40.79 -20.68 83.17
CA VAL F 56 37.85 -19.36 85.24
CA HIS F 57 35.59 -19.12 82.17
CA SER F 58 36.66 -22.55 80.88
CA ILE F 59 36.36 -24.15 84.35
CA ILE F 60 33.00 -22.43 85.03
CA TYR F 65 26.64 -30.38 75.31
CA GLY F 66 29.97 -31.80 74.20
CA GLU F 67 30.10 -29.27 71.38
CA SER F 68 29.31 -26.41 73.75
CA VAL F 69 32.32 -27.31 75.90
CA LYS F 70 34.47 -27.79 72.77
CA GLN F 71 33.68 -24.34 71.36
CA ALA F 72 34.00 -22.70 74.78
CA VAL F 73 37.37 -24.40 75.20
CA LEU F 74 38.57 -22.99 71.87
CA LEU F 75 37.41 -19.47 72.78
CA ASN F 76 39.20 -19.42 76.13
CA GLU F 105 53.51 -36.71 64.84
CA GLN F 106 50.33 -38.76 64.57
CA ARG F 107 48.17 -35.69 65.17
CA ASN F 108 49.80 -33.92 62.21
CA GLU F 109 49.54 -37.11 60.11
CA LEU F 110 45.79 -37.52 60.68
CA VAL F 111 45.16 -33.79 60.24
CA ASN F 116 48.42 -37.32 56.76
CA ASP F 117 45.65 -38.58 54.48
CA LYS F 118 43.65 -35.38 54.94
CA ILE F 119 46.60 -33.31 53.73
CA LYS F 120 47.23 -35.79 50.87
CA GLU F 121 43.66 -35.59 49.54
CA LYS F 122 43.53 -31.81 50.02
CA PHE F 123 46.02 -33.59 48.37
CA GLY F 124 45.04 -31.21 45.57
CA LYS F 125 41.95 -33.27 44.75
CA GLU F 126 40.72 -32.91 48.33
CA ASN F 139 24.27 -28.75 58.51
CA ALA F 140 27.92 -28.02 59.36
CA GLU F 141 27.81 -24.28 58.82
CA ILE F 142 24.42 -24.20 60.49
CA GLU F 143 25.48 -26.38 63.43
CA ASP F 144 28.37 -23.94 63.80
CA GLU F 145 25.74 -21.24 64.44
CA LYS F 146 24.19 -23.79 66.81
CA GLN F 147 26.79 -23.74 69.57
CA PHE F 148 27.40 -20.07 68.74
CA ASP F 149 23.96 -19.14 70.06
CA ILE F 150 24.25 -21.63 72.86
CA LEU F 151 27.52 -19.96 73.90
CA ASN F 152 25.88 -16.55 73.86
CA LYS F 153 22.80 -17.76 75.76
CA ALA F 154 25.11 -19.11 78.47
CA VAL F 155 27.11 -15.90 78.64
CA THR F 156 23.82 -14.06 79.21
CA SER F 157 23.33 -16.09 82.39
CA TYR F 158 26.88 -15.41 83.52
CA ASN F 159 26.09 -11.75 82.79
CA LYS F 160 22.92 -11.73 84.86
CA ILE F 161 24.79 -13.51 87.61
CA LEU F 162 27.44 -10.80 87.30
CA THR F 163 24.95 -7.94 87.34
CA GLU F 164 23.27 -9.60 90.31
CA GLU F 165 26.60 -9.84 92.10
CA MET F 169 29.65 -19.53 90.42
CA ARG F 170 29.88 -17.05 93.29
CA ARG F 171 33.50 -17.67 94.20
CA LEU F 172 34.32 -17.85 90.50
CA ALA F 173 32.35 -14.70 89.61
CA THR F 174 34.33 -13.04 92.42
CA ALA F 175 37.47 -13.82 90.38
CA LEU F 176 35.50 -12.43 87.43
CA GLN F 177 35.45 -8.75 88.40
CA LYS F 178 38.86 -9.29 90.03
CA GLU F 179 40.48 -9.81 86.63
CA ILE F 180 38.32 -7.15 85.08
CA GLY F 181 39.55 -4.71 87.75
CA GLU F 182 43.14 -5.62 87.01
CA ARG F 183 42.68 -5.41 83.24
CA THR F 184 41.30 -1.89 83.71
CA HIS F 185 44.16 -0.86 85.97
CA ALA F 186 46.56 -1.98 83.22
CA GLU F 187 45.01 0.61 80.92
CA THR F 188 45.24 3.29 83.59
CA VAL F 189 48.87 2.18 83.98
CA MET F 190 49.64 2.47 80.26
CA VAL F 191 47.91 5.82 80.25
CA LYS F 192 50.11 6.76 83.22
CA GLU F 193 53.32 5.51 81.61
CA TYR F 194 52.30 7.37 78.44
CA ARG F 195 51.74 10.54 80.43
CA ASP F 196 55.29 10.24 81.73
CA LYS F 197 56.86 9.68 78.33
CA ILE F 198 55.64 12.98 76.85
CA ASP F 199 56.79 14.85 79.97
CA ALA F 200 60.23 13.43 79.29
CA LEU F 201 60.29 14.28 75.58
CA LYS F 202 59.33 17.91 76.18
CA ASN F 203 62.31 18.36 78.47
CA ALA F 204 64.63 17.01 75.78
CA GLU F 219 67.96 14.55 70.99
CA ILE F 220 69.70 13.16 67.88
CA ALA F 221 72.53 11.46 69.72
CA GLY F 222 70.02 9.58 71.85
CA MET F 223 68.05 8.48 68.78
CA THR F 224 71.16 6.88 67.31
CA ALA F 225 72.05 5.36 70.70
CA ASP F 226 68.66 3.67 71.14
CA VAL F 227 68.56 2.57 67.50
CA LEU F 228 72.04 1.11 67.93
CA GLU F 229 70.88 -0.90 70.95
CA ALA F 230 67.82 -2.21 69.08
CA ALA F 231 69.79 -3.42 66.08
CA PRO F 236 59.40 5.36 73.41
CA LEU F 237 58.02 8.29 71.39
CA ILE F 238 56.03 6.22 68.93
CA GLY F 239 54.27 4.51 71.81
CA ALA F 240 53.44 7.84 73.44
CA GLY F 241 51.68 8.99 70.29
CA MET F 242 49.95 5.60 69.94
CA ALA F 243 48.49 5.66 73.46
CA THR F 244 47.57 9.34 73.18
CA ALA F 245 45.83 8.57 69.88
CA VAL F 246 43.79 5.81 71.54
CA ALA F 247 42.79 8.09 74.43
CA THR F 248 41.56 10.89 72.19
CA LYS F 257 30.15 -7.25 73.44
CA LEU F 258 32.02 -10.26 72.07
CA LYS F 259 29.07 -11.12 69.83
CA LYS F 260 28.68 -7.44 68.85
CA VAL F 261 32.30 -7.06 67.72
CA ILE F 262 32.28 -10.46 66.00
CA ASN F 263 29.10 -9.44 64.20
CA ALA F 264 30.75 -6.25 62.95
CA LEU F 265 33.83 -8.17 61.74
CA SER F 266 31.83 -10.71 59.74
CA ILE F 268 39.02 -23.35 61.71
CA ASP F 269 37.47 -26.65 60.31
CA LEU F 270 37.79 -28.67 57.13
CA THR F 271 34.81 -30.90 56.40
CA ARG F 274 36.32 -34.03 60.01
CA THR F 275 39.06 -31.84 61.47
CA PRO F 276 38.37 -29.01 63.96
CA LYS F 277 41.28 -26.82 65.11
CA ILE F 278 41.26 -24.28 67.86
CA PRO F 280 48.94 -24.25 62.10
CA SER F 281 47.39 -22.43 59.16
CA VAL F 282 50.79 -21.96 57.51
CA VAL F 283 51.37 -25.73 57.59
CA SER F 284 47.80 -26.36 56.39
CA THR F 285 48.12 -24.11 53.33
CA ILE F 286 51.61 -25.39 52.57
CA LEU F 287 50.29 -28.95 52.80
CA GLU F 288 47.55 -28.14 50.28
CA ASP F 296 67.15 -38.05 47.27
CA ASN F 297 69.80 -40.31 48.81
CA ALA F 298 71.80 -37.28 50.00
CA LEU F 299 68.76 -35.59 51.55
CA ALA F 300 69.11 -37.27 54.95
CA VAL F 301 72.71 -36.29 55.71
CA SER F 302 72.42 -32.77 54.23
CA VAL F 303 69.29 -32.05 56.25
CA LEU F 304 70.94 -33.44 59.39
CA SER F 305 73.69 -30.89 58.64
CA LYS F 306 71.18 -28.03 58.22
CA ASN F 307 69.72 -29.06 61.58
CA ARG F 308 73.20 -29.14 63.17
CA ALA F 309 73.91 -25.67 61.76
CA ILE F 310 70.65 -24.34 63.21
CA GLN F 311 71.49 -25.93 66.59
CA ASN F 322 73.91 -23.81 65.90
CA GLU F 323 71.22 -21.52 64.55
CA ILE F 324 68.86 -22.69 67.28
CA LEU F 325 71.50 -22.10 69.97
CA PRO F 326 71.82 -18.46 68.89
CA ARG F 327 68.02 -18.14 68.64
CA PHE F 328 67.40 -19.36 72.19
CA LYS F 329 70.32 -17.34 73.56
CA LYS F 330 68.92 -14.27 71.81
CA ALA F 331 65.53 -14.81 73.45
CA MET F 332 67.11 -15.22 76.90
CA ASP F 333 69.13 -12.02 76.69
CA VAL F 350 67.71 -23.69 77.94
CA MET F 351 67.91 -24.17 74.17
CA MET F 352 64.84 -26.14 73.11
CA LYS F 353 63.89 -28.25 70.11
CA PHE F 354 61.14 -30.79 69.47
CA ILE F 364 59.70 -29.89 60.58
CA HIS F 365 61.49 -27.64 63.09
CA VAL F 366 64.79 -29.36 64.03
CA TYR F 367 65.96 -26.94 66.71
CA SER F 368 64.21 -24.24 68.68
CA ALA F 369 66.23 -21.41 70.26
CA PRO F 370 63.82 -20.36 73.02
CA TRP F 371 63.41 -16.89 74.52
CA VAL F 376 57.08 -7.66 77.80
CA PHE F 377 58.81 -8.73 74.58
CA PHE F 378 59.92 -12.30 73.77
CA PHE F 379 61.74 -13.87 70.79
CA HIS F 380 61.70 -17.46 69.51
CA CYS F 381 64.09 -19.06 66.97
CA ILE F 382 63.51 -22.04 64.67
CA SER F 383 66.04 -23.47 62.22
CA HIS F 384 65.92 -26.41 59.83
CA HIS F 385 67.95 -28.42 57.31
CA HIS F 386 68.43 -26.72 53.97
CA ALA F 387 69.43 -23.54 55.77
CA ASN F 388 65.90 -22.37 56.57
CA GLU F 389 65.49 -19.84 59.38
CA SER F 390 62.57 -18.32 61.23
CA PHE F 391 62.15 -16.17 64.32
CA PHE F 392 59.03 -14.71 65.93
CA LEU F 393 58.85 -11.73 68.28
CA GLY F 394 55.75 -11.49 70.47
CA PHE F 395 54.86 -8.52 72.66
CA ASP F 396 52.21 -7.70 75.23
CA LEU F 397 49.52 -5.34 73.86
CA ILE F 399 50.09 -9.53 70.42
CA ASP F 400 51.50 -11.26 67.36
CA LEU F 401 54.45 -11.20 64.98
CA VAL F 402 55.41 -14.41 63.20
CA HIS F 403 58.01 -14.74 60.48
CA TYR F 404 58.67 -17.88 58.49
CA GLU F 405 60.82 -19.09 55.59
CA ASP F 406 63.82 -16.83 56.31
CA LEU F 407 66.28 -18.43 53.87
CA GLY F 415 43.44 -2.67 56.70
CA ALA F 416 47.06 -2.12 57.68
CA ALA F 417 47.31 -5.42 59.51
CA GLN F 418 45.85 -7.49 56.72
CA THR F 419 48.16 -5.71 54.23
CA ALA F 420 51.00 -6.93 56.50
CA ALA F 421 49.82 -10.58 56.28
CA GLY F 422 49.45 -10.34 52.56
CA ARG F 423 52.99 -8.97 52.04
CA THR F 424 54.40 -11.81 54.09
CA SER F 438 41.68 -1.49 57.78
CA ASN F 439 41.20 -2.45 61.44
CA ALA F 440 42.46 0.72 63.09
CA PHE F 441 40.34 2.72 60.81
CA GLY F 442 37.22 0.93 61.97
CA THR F 443 38.24 1.05 65.61
CA GLN F 444 39.06 4.73 65.62
CA MET F 445 35.76 5.47 63.82
CA HIS F 446 34.13 3.65 66.78
CA THR F 447 35.84 5.94 69.32
CA ARG F 448 34.91 9.00 67.36
CA ARG F 449 31.20 8.04 67.17
CA LEU F 450 31.14 7.52 70.92
CA SER F 463 31.10 11.56 76.71
CA LEU F 464 31.97 8.13 78.11
CA HIS F 465 35.62 8.56 77.02
CA TYR F 466 36.07 11.87 78.82
CA ASP F 467 34.16 10.65 81.88
CA ILE F 468 36.39 7.56 81.94
CA SER F 469 39.51 9.76 81.91
CA SER F 471 46.05 12.17 79.28
CA ASP F 472 43.25 12.53 76.72
CA LEU F 473 44.08 16.20 76.28
CA ARG F 474 47.83 15.41 76.18
CA GLY F 475 47.50 12.83 73.39
CA ASN F 476 45.02 15.00 71.47
CA ALA F 477 47.46 17.91 71.77
CA GLN F 478 50.26 15.79 70.30
CA ARG F 479 48.06 14.64 67.40
CA ILE F 480 47.02 18.16 66.42
CA THR G 79 -98.06 -4.24 -16.36
CA LEU G 80 -97.04 -7.88 -16.55
CA ARG G 81 -93.93 -9.22 -18.22
CA GLY G 82 -94.40 -12.19 -20.50
CA TYR G 83 -91.05 -14.08 -20.02
CA ASP G 84 -90.38 -16.21 -23.10
CA GLU G 85 -88.16 -19.28 -23.10
CA ARG G 86 -87.51 -20.25 -26.76
CA ARG G 87 -85.46 -23.29 -27.61
CA ALA G 88 -84.89 -22.68 -31.30
CA VAL G 89 -83.88 -19.78 -33.46
CA VAL G 90 -86.84 -18.11 -35.19
CA GLU G 91 -89.94 -16.09 -34.28
CA SER G 92 -90.41 -15.92 -30.51
CA THR G 93 -93.49 -13.75 -30.03
CA ARG G 94 -95.60 -11.40 -32.12
CA HIS G 95 -98.36 -8.90 -31.37
CA LYS G 96 -100.26 -6.12 -33.11
CA SER G 97 -103.03 -3.59 -32.50
CA PHE G 98 -104.02 -3.93 -36.25
CA HIS G 99 -103.59 -0.18 -36.75
CA THR G 100 -100.25 1.48 -35.98
CA ASN G 101 -98.08 -1.23 -34.45
CA ASP G 102 -96.86 -4.67 -35.36
CA GLN G 103 -94.00 -6.20 -33.38
CA TRP G 104 -92.41 -9.63 -33.81
CA VAL G 105 -89.31 -10.71 -31.93
CA GLN G 106 -86.93 -13.01 -33.77
CA TRP G 107 -84.13 -15.00 -32.10
CA MET G 108 -80.96 -15.17 -34.19
CA MET G 109 -78.22 -17.64 -33.48
CA LYS G 110 -74.72 -16.56 -32.45
CA ASP G 111 -72.33 -15.49 -35.22
CA SER G 112 -74.23 -14.67 -38.35
CA MET G 113 -72.89 -12.51 -41.17
CA ASP G 114 -75.53 -10.40 -42.95
CA ALA G 115 -77.97 -12.66 -44.82
CA GLN G 116 -81.59 -12.61 -45.85
CA PRO G 117 -83.93 -15.07 -44.22
CA LEU G 118 -87.61 -15.93 -44.60
CA LYS G 119 -89.84 -15.71 -41.51
CA VAL G 120 -93.55 -16.18 -41.13
CA GLY G 121 -94.74 -12.95 -39.48
CA LEU G 122 -98.43 -12.58 -38.73
CA ASP G 123 -99.11 -15.59 -40.98
CA ASP G 124 -97.26 -14.36 -44.07
CA GLN G 125 -93.74 -15.05 -45.36
CA SER G 126 -91.42 -12.06 -45.08
CA ARG G 127 -87.79 -11.62 -46.20
CA ASN G 128 -85.67 -9.93 -43.48
CA VAL G 129 -81.92 -9.24 -43.65
CA ALA G 130 -80.37 -10.16 -40.36
CA HIS G 131 -77.01 -10.49 -38.69
CA SER G 132 -75.50 -11.23 -35.31
CA LEU G 133 -72.03 -9.82 -34.70
CA HIS G 134 -71.55 -11.76 -31.47
CA ASN G 135 -69.41 -14.84 -31.67
CA CYS G 136 -71.09 -16.50 -28.68
CA VAL G 137 -74.35 -14.72 -27.67
CA VAL G 138 -77.82 -14.99 -29.14
CA LYS G 139 -79.47 -11.91 -30.55
CA ILE G 140 -83.16 -11.11 -30.01
CA ASP G 141 -84.37 -8.51 -32.53
CA SER G 142 -87.68 -6.66 -32.51
CA LYS G 143 -88.95 -6.38 -36.12
CA LYS G 144 -91.65 -3.71 -36.28
CA ALA G 145 -93.92 -1.92 -38.73
CA ASP G 146 -96.16 1.05 -38.04
CA THR G 147 -98.75 0.60 -40.79
CA MET G 148 -100.27 -2.61 -42.20
CA SER G 149 -98.35 -2.42 -45.49
CA TYR G 150 -95.22 -0.78 -44.18
CA HIS G 151 -91.75 -2.30 -44.23
CA VAL G 152 -90.33 -4.06 -41.19
CA GLU G 153 -87.52 -2.23 -39.35
CA PRO G 154 -85.21 -3.58 -36.65
CA ILE G 155 -84.69 -2.22 -33.22
CA GLU G 156 -83.08 -3.53 -30.07
CA ASP G 157 -81.20 -5.81 -29.89
CA ALA G 158 -80.79 -7.94 -26.82
CA SER G 159 -77.51 -9.97 -26.91
CA LYS G 160 -78.12 -12.91 -24.61
CA GLY G 161 -76.48 -15.91 -23.09
CA CYS G 162 -79.52 -17.34 -21.16
CA LEU G 163 -81.82 -17.30 -24.18
CA HIS G 164 -84.69 -15.56 -22.30
CA THR G 165 -86.67 -12.54 -23.46
CA ARG G 166 -89.65 -10.63 -22.14
CA THR G 167 -92.31 -8.23 -23.40
CA MET G 168 -94.86 -6.08 -21.53
CA MET G 169 -97.77 -3.74 -22.26
CA TRP G 170 -97.28 -0.58 -20.11
CA ASN G 171 -98.27 3.10 -20.28
CA HIS G 172 -99.22 3.35 -23.94
CA LEU G 173 -96.27 1.24 -25.11
CA VAL G 174 -94.91 -2.23 -25.58
CA ARG G 175 -91.62 -2.70 -23.63
CA ILE G 176 -88.98 -5.28 -24.37
CA GLU G 177 -85.56 -6.09 -22.90
CA THR G 178 -82.41 -4.74 -24.52
CA PHE G 179 -78.63 -4.53 -24.36
CA HIS G 180 -76.26 -7.31 -23.39
CA ALA G 181 -76.67 -9.90 -20.64
CA ALA G 182 -75.72 -9.83 -17.78
CA GLN G 183 -76.40 -6.07 -17.72
CA GLU G 184 -79.69 -5.64 -19.55
CA VAL G 185 -82.01 -2.64 -19.71
CA ALA G 186 -85.43 -2.16 -21.37
CA TYR G 187 -86.71 -0.12 -24.36
CA THR G 188 -90.22 0.70 -25.63
CA LEU G 189 -92.44 1.25 -28.63
CA LYS G 190 -95.43 3.62 -28.47
CA PRO G 191 -98.57 1.67 -29.38
CA THR G 192 -102.14 2.92 -29.71
CA TYR G 193 -104.77 0.85 -27.79
CA ASP G 194 -101.79 -0.74 -26.06
CA ILE G 195 -103.92 -2.48 -23.45
CA VAL G 196 -105.81 -4.70 -25.85
CA VAL G 197 -102.88 -6.03 -27.89
CA HIS G 198 -102.96 -9.81 -28.13
CA ALA G 199 -99.60 -11.58 -28.02
CA GLU G 200 -98.89 -14.85 -29.77
CA ARG G 201 -96.14 -16.84 -28.01
CA ARG G 202 -94.34 -19.42 -30.19
CA ASP G 203 -92.58 -20.97 -27.21
CA ARG G 204 -93.23 -21.64 -23.52
CA SER G 205 -93.62 -18.55 -21.35
CA GLN G 206 -94.15 -17.27 -17.81
CA PRO G 207 -95.99 -14.25 -16.43
CA PHE G 208 -94.38 -11.87 -13.87
CA ARG G 209 -95.97 -8.70 -12.48
CA GLN G 267 -88.42 2.11 -15.77
CA SER G 268 -84.79 2.44 -16.96
CA ARG G 269 -81.36 3.36 -15.56
CA HIS G 270 -79.75 5.83 -18.04
CA ASP G 271 -77.15 8.63 -17.89
CA PRO G 272 -77.06 9.23 -14.17
CA GLY G 273 -80.84 8.97 -13.77
CA GLU G 274 -83.79 6.67 -13.44
CA ILE G 275 -86.34 7.29 -16.26
CA LYS G 276 -90.00 6.38 -16.15
CA THR H 79 -83.21 -1.08 8.15
CA LEU H 80 -80.18 -3.33 8.04
CA ARG H 81 -79.95 -6.65 6.25
CA GLY H 82 -78.47 -9.53 8.21
CA TYR H 83 -76.72 -11.54 5.41
CA ASP H 84 -76.39 -15.18 6.52
CA GLU H 85 -73.82 -17.58 5.17
CA ARG H 86 -74.80 -21.12 6.31
CA ARG H 87 -72.65 -24.08 5.45
CA ALA H 88 -75.01 -26.90 6.36
CA VAL H 89 -78.62 -27.69 5.79
CA VAL H 90 -80.83 -26.89 8.80
CA GLU H 91 -82.02 -23.87 10.77
CA SER H 92 -80.30 -20.69 9.58
CA THR H 93 -81.84 -17.92 11.69
CA ARG H 94 -84.83 -17.48 13.96
CA HIS H 95 -86.54 -14.52 15.60
CA LYS H 96 -89.75 -13.72 17.46
CA SER H 97 -91.55 -10.83 19.16
CA PHE H 98 -93.05 -13.40 21.67
CA HIS H 99 -96.58 -12.28 20.75
CA THR H 100 -97.77 -12.49 17.13
CA ASN H 101 -94.73 -13.54 15.11
CA ASP H 102 -92.23 -16.35 15.09
CA GLN H 103 -90.03 -16.84 12.04
CA TRP H 104 -87.32 -19.45 11.48
CA VAL H 105 -85.56 -19.93 8.16
CA GLN H 106 -84.56 -23.47 7.28
CA TRP H 107 -82.11 -24.38 4.50
CA MET H 108 -83.11 -27.51 2.60
CA MET H 109 -80.71 -29.34 0.35
CA LYS H 110 -81.27 -29.69 -3.39
CA ASP H 111 -83.64 -32.40 -4.57
CA SER H 112 -85.82 -33.57 -1.75
CA MET H 113 -89.14 -35.37 -2.19
CA ASP H 114 -91.76 -34.56 0.48
CA ALA H 115 -90.63 -35.88 3.87
CA GLN H 116 -91.05 -34.98 7.50
CA PRO H 117 -88.02 -33.76 9.39
CA LEU H 118 -87.32 -32.76 12.98
CA LYS H 119 -85.91 -29.27 13.63
CA VAL H 120 -85.18 -27.48 16.85
CA GLY H 121 -87.14 -24.22 16.57
CA LEU H 122 -86.95 -21.78 19.46
CA ASP H 123 -85.41 -24.54 21.60
CA ASP H 124 -88.08 -27.20 21.01
CA GLN H 125 -88.24 -30.12 18.56
CA SER H 126 -90.79 -29.62 15.80
CA ARG H 127 -91.86 -31.94 12.94
CA ASN H 128 -92.06 -30.08 9.60
CA VAL H 129 -92.88 -31.62 6.20
CA ALA H 130 -90.51 -30.24 3.64
CA HIS H 131 -89.54 -30.66 0.02
CA SER H 132 -87.28 -29.11 -2.58
CA LEU H 133 -88.34 -29.60 -6.18
CA HIS H 134 -85.07 -28.22 -7.57
CA ASN H 135 -82.57 -30.75 -8.77
CA CYS H 136 -79.60 -28.45 -8.19
CA VAL H 137 -80.53 -25.37 -6.09
CA VAL H 138 -80.90 -25.01 -2.34
CA LYS H 139 -84.21 -23.94 -0.90
CA ILE H 140 -84.51 -21.47 1.98
CA ASP H 141 -87.94 -21.67 3.60
CA SER H 142 -89.44 -19.30 6.16
CA LYS H 143 -91.40 -21.35 8.74
CA LYS H 144 -93.71 -19.01 10.66
CA ALA H 145 -96.39 -19.04 13.34
CA ASP H 146 -98.55 -16.14 14.45
CA THR H 147 -99.41 -17.25 17.99
CA MET H 148 -97.27 -19.08 20.56
CA SER H 149 -99.12 -22.39 20.19
CA TYR H 150 -100.02 -22.08 16.54
CA HIS H 151 -98.85 -24.40 13.79
CA VAL H 152 -95.87 -23.53 11.61
CA GLU H 153 -96.66 -22.60 7.98
CA PRO H 154 -94.24 -22.20 5.08
CA ILE H 155 -93.75 -19.20 2.92
CA GLU H 156 -91.13 -18.13 0.43
CA ASP H 157 -89.12 -19.91 -0.85
CA ALA H 158 -85.78 -18.69 -2.08
CA SER H 159 -84.18 -21.19 -4.54
CA LYS H 160 -80.47 -20.47 -4.37
CA GLY H 161 -77.16 -21.43 -5.88
CA CYS H 162 -74.86 -19.19 -3.70
CA LEU H 163 -76.30 -20.42 -0.40
CA HIS H 164 -76.78 -16.89 1.01
CA THR H 165 -79.90 -15.49 2.65
CA ARG H 166 -80.81 -12.26 4.38
CA THR H 167 -83.42 -10.91 6.78
CA MET H 168 -84.28 -7.33 7.83
CA MET H 169 -86.58 -5.50 10.26
CA TRP H 170 -88.28 -2.66 8.30
CA ASN H 171 -91.53 -0.67 8.52
CA HIS H 172 -93.50 -2.90 10.83
CA LEU H 173 -92.35 -6.12 9.12
CA VAL H 174 -89.61 -8.67 8.80
CA ARG H 175 -88.37 -8.90 5.17
CA ILE H 176 -86.58 -11.84 3.64
CA GLU H 177 -85.28 -12.66 0.16
CA THR H 178 -87.37 -14.74 -2.23
CA PHE H 179 -87.61 -16.26 -5.69
CA HIS H 180 -84.80 -17.88 -7.64
CA ALA H 181 -81.18 -16.76 -7.92
CA ALA H 182 -79.87 -14.97 -9.96
CA GLN H 183 -83.09 -12.92 -10.14
CA GLU H 184 -84.25 -12.60 -6.54
CA VAL H 185 -86.84 -10.30 -5.00
CA ALA H 186 -87.96 -9.78 -1.37
CA TYR H 187 -91.15 -10.56 0.61
CA THR H 188 -92.37 -9.55 4.08
CA LEU H 189 -94.25 -10.57 7.20
CA LYS H 190 -96.11 -8.00 9.31
CA PRO H 191 -94.73 -8.13 12.87
CA THR H 192 -95.87 -6.16 15.92
CA TYR H 193 -93.02 -4.43 17.85
CA ASP H 194 -90.91 -5.20 14.81
CA ILE H 195 -88.02 -3.01 15.96
CA VAL H 196 -87.21 -4.97 19.07
CA VAL H 197 -87.16 -8.48 17.59
CA HIS H 198 -83.97 -10.33 18.51
CA ALA H 199 -82.51 -12.60 15.84
CA GLU H 200 -80.55 -15.73 16.60
CA ARG H 201 -78.05 -16.56 13.80
CA ARG H 202 -76.97 -20.22 13.63
CA ASP H 203 -74.20 -19.44 11.13
CA ARG H 204 -71.78 -16.64 10.30
CA SER H 205 -73.38 -13.39 9.14
CA GLN H 206 -72.74 -9.87 7.87
CA PRO H 207 -74.61 -6.60 8.33
CA PHE H 208 -75.49 -4.31 5.36
CA ARG H 209 -77.50 -1.08 5.57
CA GLN H 267 -88.81 -2.20 -1.91
CA SER H 268 -89.80 -4.63 -4.70
CA ARG H 269 -90.04 -4.73 -8.50
CA HIS H 270 -93.46 -6.25 -9.40
CA ASP H 271 -95.93 -6.06 -12.31
CA PRO H 272 -94.63 -2.99 -14.06
CA GLY H 273 -94.07 -1.06 -10.83
CA GLU H 274 -91.79 -0.49 -7.89
CA ILE H 275 -93.62 -1.20 -4.58
CA LYS H 276 -92.64 0.17 -1.20
CA THR I 79 -74.42 12.28 -15.83
CA LEU I 80 -72.61 9.80 -18.04
CA ARG I 81 -70.63 6.82 -16.83
CA GLY I 82 -67.21 6.34 -18.41
CA TYR I 83 -66.89 2.49 -18.39
CA ASP I 84 -63.19 1.56 -18.42
CA GLU I 85 -61.85 -1.75 -19.67
CA ARG I 86 -58.19 -2.03 -18.56
CA ARG I 87 -56.11 -5.00 -19.54
CA ALA I 88 -53.12 -4.49 -17.26
CA VAL I 89 -52.58 -3.63 -13.65
CA VAL I 90 -51.72 0.04 -13.09
CA GLU I 91 -53.35 3.47 -13.46
CA SER I 92 -56.76 3.20 -15.13
CA THR I 93 -58.08 6.76 -15.19
CA ARG I 94 -57.23 10.08 -13.56
CA HIS I 95 -58.95 13.46 -13.31
CA LYS I 96 -58.62 16.71 -11.39
CA SER I 97 -60.24 20.13 -11.07
CA PHE I 98 -56.72 21.58 -10.27
CA HIS I 99 -58.02 23.00 -6.98
CA THR I 100 -59.58 20.69 -4.38
CA ASN I 101 -59.76 17.27 -6.02
CA ASP I 102 -57.41 14.84 -7.67
CA GLN I 103 -58.56 11.27 -8.26
CA TRP I 104 -56.66 8.43 -9.92
CA VAL I 105 -57.94 4.86 -10.01
CA GLN I 106 -55.32 2.13 -9.83
CA TRP I 107 -55.98 -1.54 -10.67
CA MET I 108 -54.16 -3.94 -8.38
CA MET I 109 -53.74 -7.59 -9.21
CA LYS I 110 -55.27 -10.35 -7.10
CA ASP I 111 -53.40 -11.39 -3.95
CA SER I 112 -50.93 -8.75 -2.96
CA MET I 113 -49.47 -8.38 0.53
CA ASP I 114 -48.76 -4.77 1.59
CA ALA I 115 -45.99 -3.29 -0.57
CA GLN I 116 -44.96 0.09 -1.88
CA PRO I 117 -45.21 0.69 -5.59
CA LEU I 118 -44.34 3.57 -7.90
CA LYS I 119 -47.11 4.99 -10.12
CA VAL I 120 -47.11 7.94 -12.47
CA GLY I 121 -50.01 10.10 -11.25
CA LEU I 122 -50.72 13.32 -13.10
CA ASP I 123 -47.33 13.01 -14.81
CA ASP I 124 -45.21 12.58 -11.66
CA GLN I 125 -43.86 9.45 -9.92
CA SER I 126 -45.57 8.74 -6.61
CA ARG I 127 -44.90 6.00 -4.03
CA ASN I 128 -48.17 4.36 -2.82
CA VAL I 129 -48.47 1.45 -0.37
CA ALA I 130 -51.01 -0.98 -1.69
CA HIS I 131 -52.45 -4.37 -0.98
CA SER I 132 -55.16 -6.72 -2.22
CA LEU I 133 -56.47 -9.20 0.33
CA HIS I 134 -58.47 -11.15 -2.28
CA ASN I 135 -56.94 -14.35 -3.50
CA CYS I 136 -58.76 -14.23 -6.83
CA VAL I 137 -60.38 -10.81 -7.49
CA VAL I 138 -58.83 -7.60 -8.80
CA LYS I 139 -58.94 -4.51 -6.67
CA ILE I 140 -59.66 -1.04 -8.08
CA ASP I 141 -58.58 1.68 -5.66
CA SER I 142 -59.33 5.39 -5.86
CA LYS I 143 -56.21 7.35 -4.79
CA LYS I 144 -57.21 10.93 -4.00
CA ALA I 145 -55.79 14.20 -2.72
CA ASP I 146 -57.69 17.34 -1.84
CA THR I 147 -54.96 19.95 -2.33
CA MET I 148 -52.17 20.11 -4.93
CA SER I 149 -49.42 19.18 -2.47
CA TYR I 150 -51.44 16.93 -0.23
CA HIS I 151 -50.81 13.25 0.34
CA VAL I 152 -52.74 10.61 -1.58
CA GLU I 153 -55.30 8.61 0.45
CA PRO I 154 -57.17 5.46 -0.58
CA ILE I 155 -60.85 4.94 -0.71
CA GLU I 156 -63.10 2.30 -2.23
CA ASP I 157 -62.26 -0.39 -3.12
CA ALA I 158 -64.03 -2.32 -5.83
CA SER I 159 -63.13 -6.07 -5.72
CA LYS I 160 -63.81 -7.31 -9.24
CA GLY I 161 -63.82 -10.41 -11.36
CA CYS I 162 -64.78 -8.79 -14.75
CA LEU I 163 -62.03 -6.16 -14.59
CA HIS I 164 -64.40 -3.26 -15.45
CA THR I 165 -64.69 0.05 -13.63
CA ARG I 166 -66.64 3.24 -14.19
CA THR I 167 -66.53 6.89 -13.13
CA MET I 168 -69.11 9.70 -13.52
CA MET I 169 -69.42 13.44 -12.85
CA TRP I 170 -72.80 14.00 -11.09
CA ASN I 171 -74.31 16.55 -8.69
CA HIS I 172 -71.16 18.23 -7.44
CA LEU I 173 -69.24 14.95 -7.12
CA VAL I 174 -67.27 12.29 -8.91
CA ARG I 175 -68.91 8.84 -8.46
CA ILE I 176 -67.15 5.52 -8.83
CA GLU I 177 -68.20 1.88 -8.39
CA THR I 178 -67.49 0.07 -5.13
CA PHE I 179 -67.86 -3.15 -3.18
CA HIS I 180 -67.51 -6.66 -4.54
CA ALA I 181 -68.76 -8.03 -7.87
CA ALA I 182 -71.35 -9.39 -8.54
CA GLN I 183 -73.12 -7.12 -6.02
CA GLU I 184 -71.59 -3.69 -6.55
CA VAL I 185 -72.74 -0.28 -5.33
CA ALA I 186 -71.36 3.23 -5.95
CA TYR I 187 -69.60 5.87 -3.78
CA THR I 188 -68.74 9.55 -4.34
CA LEU I 189 -66.26 12.33 -3.77
CA LYS I 190 -67.38 15.96 -3.49
CA PRO I 191 -65.57 18.00 -6.16
CA THR I 192 -65.74 21.73 -6.81
CA TYR I 193 -66.41 22.71 -10.49
CA ASP I 194 -67.31 19.05 -10.95
CA ILE I 195 -68.74 19.59 -14.42
CA VAL I 196 -65.53 20.72 -16.06
CA VAL I 197 -63.21 17.98 -14.78
CA HIS I 198 -61.26 16.39 -17.62
CA ALA I 199 -60.64 12.65 -17.36
CA GLU I 200 -57.61 10.92 -18.79
CA ARG I 201 -58.36 7.26 -19.69
CA ARG I 202 -55.29 4.98 -19.86
CA ASP I 203 -57.29 2.16 -21.43
CA ARG I 204 -60.23 1.68 -23.79
CA SER I 205 -63.57 2.97 -22.53
CA GLN I 206 -67.27 3.30 -23.28
CA PRO I 207 -69.83 5.99 -22.45
CA PHE I 208 -73.25 5.15 -20.90
CA ARG I 209 -75.89 7.68 -19.83
CA GLN I 267 -78.20 6.63 -6.47
CA SER I 268 -77.42 3.86 -3.95
CA ARG I 269 -79.19 1.01 -2.14
CA HIS I 270 -78.19 1.21 1.57
CA ASP I 271 -79.70 0.19 4.93
CA PRO I 272 -83.29 -0.35 3.90
CA GLY I 273 -83.39 2.73 1.67
CA GLU I 274 -82.52 4.20 -1.69
CA ILE I 275 -80.21 7.25 -1.30
CA LYS I 276 -79.77 10.01 -3.84
C1 MNA J . -91.59 5.68 -29.24
C2 MNA J . -90.26 6.26 -29.78
C3 MNA J . -89.18 6.36 -28.68
C4 MNA J . -88.61 5.00 -28.32
C5 MNA J . -88.13 4.27 -29.59
C6 MNA J . -89.33 4.17 -30.55
C7 MNA J . -89.04 3.42 -31.86
C8 MNA J . -90.28 3.41 -32.75
C9 MNA J . -90.11 2.32 -33.80
C10 MNA J . -86.64 2.34 -29.79
C11 MNA J . -86.34 0.91 -29.35
C12 MNA J . -91.55 7.72 -31.22
N5 MNA J . -87.68 2.94 -29.23
O1A MNA J . -92.09 6.22 -28.23
O1B MNA J . -92.14 4.71 -29.86
O2 MNA J . -90.51 7.56 -30.23
O4 MNA J . -87.53 5.19 -27.39
O6 MNA J . -89.81 5.48 -30.88
O7 MNA J . -87.98 4.08 -32.59
O8 MNA J . -91.42 3.11 -31.94
O9 MNA J . -91.33 2.17 -34.55
O10 MNA J . -85.99 2.87 -30.69
C1 MNA K . -98.42 -9.42 5.81
C2 MNA K . -99.24 -10.18 4.74
C3 MNA K . -98.82 -9.79 3.31
C4 MNA K . -97.48 -10.40 2.92
C5 MNA K . -97.49 -11.93 3.17
C6 MNA K . -97.83 -12.14 4.65
C7 MNA K . -97.83 -13.62 5.09
C8 MNA K . -98.21 -13.73 6.56
C9 MNA K . -97.79 -15.12 7.07
C10 MNA K . -95.97 -13.64 2.32
C11 MNA K . -94.52 -14.07 2.15
C12 MNA K . -101.17 -10.03 6.20
N5 MNA K . -96.16 -12.45 2.88
O1A MNA K . -98.37 -8.18 5.72
O1B MNA K . -97.86 -10.08 6.75
O2 MNA K . -100.58 -9.84 4.90
O4 MNA K . -97.23 -10.10 1.54
O6 MNA K . -99.12 -11.59 4.95
O7 MNA K . -98.80 -14.37 4.33
O8 MNA K . -97.51 -12.73 7.29
O9 MNA K . -97.99 -15.19 8.50
O10 MNA K . -96.89 -14.38 2.01
C1 MNA L . -67.78 13.70 0.29
C2 MNA L . -67.62 12.91 1.62
C3 MNA L . -68.68 11.79 1.76
C4 MNA L . -68.39 10.62 0.85
C5 MNA L . -66.94 10.12 1.05
C6 MNA L . -66.00 11.32 0.79
C7 MNA L . -64.50 10.99 0.91
C8 MNA L . -63.67 12.24 0.66
C9 MNA L . -62.23 11.81 0.34
C10 MNA L . -65.92 8.00 0.40
C11 MNA L . -65.67 7.01 -0.73
C12 MNA L . -66.97 14.99 2.70
N5 MNA L . -66.66 9.05 0.11
O1A MNA L . -68.91 14.17 0.04
O1B MNA L . -66.76 13.86 -0.47
O2 MNA L . -67.80 13.81 2.67
O4 MNA L . -69.34 9.59 1.15
O6 MNA L . -66.30 12.38 1.70
O7 MNA L . -64.19 10.51 2.23
O8 MNA L . -64.20 12.93 -0.48
O9 MNA L . -61.46 12.96 -0.06
O10 MNA L . -65.39 7.85 1.49
#